data_3LIU
#
_entry.id   3LIU
#
_cell.length_a   64.372
_cell.length_b   101.934
_cell.length_c   130.891
_cell.angle_alpha   90.000
_cell.angle_beta   90.000
_cell.angle_gamma   90.000
#
_symmetry.space_group_name_H-M   'P 21 21 21'
#
loop_
_entity.id
_entity.type
_entity.pdbx_description
1 polymer 'Putative cell adhesion protein'
2 non-polymer 'CHLORIDE ION'
3 non-polymer GLYCEROL
4 non-polymer 'SULFATE ION'
5 non-polymer 1,2-ETHANEDIOL
6 water water
#
_entity_poly.entity_id   1
_entity_poly.type   'polypeptide(L)'
_entity_poly.pdbx_seq_one_letter_code
;GDDNEIEIPKAPVLEKAQLALAIKSEEGAVTKTGETTPTDADVNTLTVGVFGVDGWSVIYTKDATPNSDGTKDVGPQEVY
AGEAHVVVVANAAPVIQTELAKAKDITDFIETTINLSDETLTKGLT(MSE)SSKVLDVTLVANTTNYIGYDDEVGDITVK
DISGKEVYGAGPVPLVRDVASIALAGADIGNPENANYESKSFVLKEVFIASAKGVSSVASTEEWGTIEKDFFGDTHFGYL
DYKVGLLFLTSPNNIDEGSYKKGLQTKYDALAKKHVENDPALNHEFYVYENTKGEVKSGESNVNEAYANHTLLIVKGDYT
YLPQGAKESITKENCYYAIPVGEEVTIDGTEKRSKFYVQRNYKYEISLTIIGPGSEIPYDP(MSE)ISTNVSASVKVEPW
NVKTIHEEVE
;
_entity_poly.pdbx_strand_id   A,B
#
loop_
_chem_comp.id
_chem_comp.type
_chem_comp.name
_chem_comp.formula
CL non-polymer 'CHLORIDE ION' 'Cl -1'
EDO non-polymer 1,2-ETHANEDIOL 'C2 H6 O2'
GOL non-polymer GLYCEROL 'C3 H8 O3'
SO4 non-polymer 'SULFATE ION' 'O4 S -2'
#
# COMPACT_ATOMS: atom_id res chain seq x y z
N VAL A 13 -32.53 -18.98 9.25
CA VAL A 13 -32.91 -17.80 8.43
C VAL A 13 -32.65 -16.51 9.23
N LEU A 14 -32.13 -15.51 8.51
CA LEU A 14 -31.80 -14.18 9.04
C LEU A 14 -32.61 -13.15 8.29
N GLU A 15 -33.21 -12.19 8.99
CA GLU A 15 -33.94 -11.11 8.34
C GLU A 15 -33.03 -9.98 7.85
N LYS A 16 -33.49 -9.26 6.85
CA LYS A 16 -32.73 -8.15 6.26
C LYS A 16 -33.04 -6.82 6.93
N ALA A 17 -32.08 -5.91 6.87
CA ALA A 17 -32.28 -4.54 7.31
C ALA A 17 -31.30 -3.63 6.55
N GLN A 18 -31.47 -2.34 6.75
CA GLN A 18 -30.58 -1.34 6.19
CA GLN A 18 -30.60 -1.33 6.19
C GLN A 18 -29.94 -0.59 7.36
N LEU A 19 -28.74 -0.10 7.13
CA LEU A 19 -27.96 0.64 8.12
C LEU A 19 -27.40 1.87 7.43
N ALA A 20 -27.62 3.02 8.05
CA ALA A 20 -26.91 4.25 7.69
C ALA A 20 -26.25 4.79 8.95
N LEU A 21 -25.12 5.42 8.78
CA LEU A 21 -24.26 5.73 9.93
C LEU A 21 -23.68 7.13 9.75
N ALA A 22 -23.70 7.96 10.80
CA ALA A 22 -23.11 9.31 10.74
C ALA A 22 -21.94 9.43 11.72
N ILE A 23 -20.82 10.00 11.25
CA ILE A 23 -19.64 10.25 12.15
C ILE A 23 -19.41 11.73 12.42
N LYS A 24 -18.85 12.01 13.60
CA LYS A 24 -18.52 13.38 13.96
C LYS A 24 -17.24 13.80 13.25
N SER A 25 -17.24 15.00 12.67
CA SER A 25 -16.14 15.47 11.82
C SER A 25 -15.67 16.86 12.26
N GLU A 26 -14.35 17.08 12.23
CA GLU A 26 -13.73 18.36 12.65
C GLU A 26 -13.61 19.38 11.49
N THR A 36 -9.32 22.51 -2.21
CA THR A 36 -9.27 22.19 -0.78
C THR A 36 -7.93 21.49 -0.39
N THR A 37 -7.03 22.18 0.35
CA THR A 37 -5.79 21.55 0.82
C THR A 37 -6.14 20.42 1.79
N PRO A 38 -5.47 19.26 1.68
CA PRO A 38 -5.85 18.19 2.60
C PRO A 38 -5.39 18.52 4.02
N THR A 39 -6.17 18.08 5.01
CA THR A 39 -5.90 18.33 6.43
C THR A 39 -5.90 17.02 7.24
N ASP A 40 -5.38 17.10 8.46
CA ASP A 40 -5.23 15.95 9.32
C ASP A 40 -6.59 15.57 9.98
N ALA A 41 -7.67 16.24 9.63
CA ALA A 41 -9.01 15.87 10.08
C ALA A 41 -9.85 15.32 8.93
N ASP A 42 -9.32 15.23 7.71
CA ASP A 42 -10.15 14.77 6.59
C ASP A 42 -10.66 13.31 6.83
N VAL A 43 -11.92 13.07 6.46
CA VAL A 43 -12.56 11.77 6.42
C VAL A 43 -12.99 11.57 5.01
N ASN A 44 -12.24 10.76 4.28
CA ASN A 44 -12.53 10.54 2.85
C ASN A 44 -13.35 9.28 2.60
N THR A 45 -12.98 8.21 3.29
CA THR A 45 -13.69 6.94 3.16
C THR A 45 -14.03 6.46 4.55
N LEU A 46 -15.11 5.71 4.65
CA LEU A 46 -15.46 4.96 5.86
C LEU A 46 -15.63 3.47 5.57
N THR A 47 -14.94 2.66 6.36
CA THR A 47 -15.13 1.21 6.35
C THR A 47 -15.86 0.85 7.61
N VAL A 48 -16.98 0.16 7.46
CA VAL A 48 -17.85 -0.22 8.57
C VAL A 48 -17.89 -1.74 8.65
N GLY A 49 -17.62 -2.26 9.84
CA GLY A 49 -17.73 -3.69 10.08
C GLY A 49 -18.90 -3.91 11.00
N VAL A 50 -19.85 -4.72 10.56
CA VAL A 50 -21.03 -5.07 11.38
C VAL A 50 -21.00 -6.58 11.68
N PHE A 51 -20.90 -6.95 12.96
CA PHE A 51 -20.72 -8.36 13.34
C PHE A 51 -21.84 -8.81 14.28
N GLY A 52 -22.71 -9.66 13.76
CA GLY A 52 -23.86 -10.10 14.54
C GLY A 52 -23.39 -10.98 15.68
N VAL A 53 -24.12 -11.00 16.78
CA VAL A 53 -23.69 -11.79 17.93
C VAL A 53 -23.72 -13.28 17.60
N ASP A 54 -24.54 -13.70 16.65
CA ASP A 54 -24.65 -15.11 16.22
C ASP A 54 -23.72 -15.51 15.08
N GLY A 55 -22.75 -14.68 14.71
CA GLY A 55 -21.75 -15.08 13.74
C GLY A 55 -21.83 -14.49 12.35
N TRP A 56 -22.92 -13.86 11.95
CA TRP A 56 -22.94 -13.24 10.61
C TRP A 56 -22.06 -11.98 10.63
N SER A 57 -21.58 -11.56 9.45
CA SER A 57 -20.87 -10.31 9.34
C SER A 57 -21.17 -9.62 8.02
N VAL A 58 -21.17 -8.29 8.05
CA VAL A 58 -21.22 -7.47 6.86
C VAL A 58 -20.21 -6.36 7.03
N ILE A 59 -19.27 -6.29 6.08
CA ILE A 59 -18.24 -5.23 6.06
C ILE A 59 -18.22 -4.54 4.72
N TYR A 60 -18.17 -3.22 4.71
CA TYR A 60 -18.19 -2.45 3.48
C TYR A 60 -17.45 -1.16 3.61
N THR A 61 -17.07 -0.59 2.47
CA THR A 61 -16.38 0.70 2.41
C THR A 61 -17.05 1.59 1.38
N LYS A 62 -17.31 2.83 1.78
CA LYS A 62 -17.94 3.83 0.93
C LYS A 62 -17.25 5.16 1.16
N ASP A 63 -17.42 6.04 0.18
CA ASP A 63 -16.94 7.41 0.32
C ASP A 63 -17.83 8.08 1.33
N ALA A 64 -17.21 8.88 2.18
CA ALA A 64 -17.94 9.62 3.21
C ALA A 64 -18.66 10.79 2.52
N THR A 65 -19.96 10.92 2.75
CA THR A 65 -20.71 12.02 2.16
CA THR A 65 -20.80 11.99 2.19
C THR A 65 -20.77 13.20 3.14
N PRO A 66 -20.48 14.42 2.64
CA PRO A 66 -20.45 15.57 3.53
C PRO A 66 -21.84 16.04 3.92
N ASN A 67 -21.95 16.57 5.12
CA ASN A 67 -23.24 17.02 5.61
C ASN A 67 -23.11 18.44 6.15
N SER A 68 -24.22 19.19 6.04
CA SER A 68 -24.26 20.62 6.39
C SER A 68 -23.89 20.89 7.85
N ASP A 69 -24.24 19.95 8.72
CA ASP A 69 -23.97 20.10 10.14
C ASP A 69 -22.55 19.70 10.56
N GLY A 70 -21.62 19.57 9.61
CA GLY A 70 -20.27 19.09 9.94
C GLY A 70 -20.13 17.61 10.34
N THR A 71 -21.12 16.79 10.02
CA THR A 71 -21.00 15.34 10.15
C THR A 71 -20.79 14.77 8.75
N LYS A 72 -20.32 13.53 8.67
CA LYS A 72 -20.29 12.83 7.39
C LYS A 72 -20.99 11.51 7.53
N ASP A 73 -21.58 11.04 6.44
CA ASP A 73 -22.47 9.86 6.46
C ASP A 73 -21.94 8.77 5.55
N VAL A 74 -22.30 7.54 5.87
CA VAL A 74 -22.16 6.41 4.93
CA VAL A 74 -22.16 6.44 4.92
C VAL A 74 -23.57 5.95 4.62
N GLY A 75 -23.92 5.94 3.33
CA GLY A 75 -25.29 5.77 2.85
C GLY A 75 -25.83 4.41 3.19
N PRO A 76 -27.15 4.22 3.06
CA PRO A 76 -27.75 2.98 3.52
C PRO A 76 -27.05 1.79 2.94
N GLN A 77 -26.85 0.77 3.75
CA GLN A 77 -26.25 -0.48 3.31
C GLN A 77 -27.09 -1.60 3.83
N GLU A 78 -27.29 -2.64 3.04
CA GLU A 78 -28.02 -3.81 3.54
C GLU A 78 -27.16 -4.60 4.55
N VAL A 79 -27.80 -5.02 5.63
CA VAL A 79 -27.17 -5.78 6.71
C VAL A 79 -28.25 -6.76 7.21
N TYR A 80 -28.00 -7.49 8.29
CA TYR A 80 -29.03 -8.37 8.89
C TYR A 80 -29.58 -7.81 10.20
N ALA A 81 -30.79 -8.24 10.56
CA ALA A 81 -31.37 -7.81 11.82
C ALA A 81 -30.73 -8.53 13.00
N GLY A 82 -30.79 -7.92 14.18
CA GLY A 82 -30.24 -8.53 15.39
C GLY A 82 -29.22 -7.66 16.07
N GLU A 83 -28.78 -8.14 17.23
CA GLU A 83 -27.76 -7.46 17.98
C GLU A 83 -26.45 -7.62 17.25
N ALA A 84 -25.68 -6.54 17.18
CA ALA A 84 -24.41 -6.52 16.48
C ALA A 84 -23.41 -5.59 17.12
N HIS A 85 -22.14 -5.90 16.84
CA HIS A 85 -21.02 -5.06 17.21
C HIS A 85 -20.52 -4.36 15.94
N VAL A 86 -20.40 -3.03 16.00
CA VAL A 86 -20.11 -2.17 14.85
C VAL A 86 -18.90 -1.34 15.16
N VAL A 87 -17.97 -1.29 14.21
CA VAL A 87 -16.79 -0.44 14.31
CA VAL A 87 -16.78 -0.45 14.30
C VAL A 87 -16.58 0.28 12.96
N VAL A 88 -16.13 1.52 13.04
CA VAL A 88 -15.96 2.33 11.87
C VAL A 88 -14.50 2.72 11.79
N VAL A 89 -13.93 2.56 10.59
CA VAL A 89 -12.59 2.97 10.30
C VAL A 89 -12.60 4.02 9.18
N ALA A 90 -12.00 5.17 9.43
CA ALA A 90 -11.82 6.19 8.39
C ALA A 90 -10.49 6.04 7.69
N ASN A 91 -10.52 6.24 6.37
CA ASN A 91 -9.33 6.44 5.55
C ASN A 91 -8.42 5.20 5.46
N ALA A 92 -9.00 4.01 5.53
CA ALA A 92 -8.23 2.80 5.36
C ALA A 92 -7.61 2.73 3.97
N ALA A 93 -6.34 2.37 3.91
CA ALA A 93 -5.65 2.20 2.61
C ALA A 93 -6.39 1.10 1.82
N PRO A 94 -6.37 1.19 0.49
CA PRO A 94 -7.09 0.19 -0.33
C PRO A 94 -6.88 -1.28 0.05
N VAL A 95 -5.65 -1.68 0.28
CA VAL A 95 -5.38 -3.10 0.64
C VAL A 95 -5.95 -3.38 2.04
N ILE A 96 -5.90 -2.40 2.93
CA ILE A 96 -6.47 -2.58 4.29
C ILE A 96 -8.02 -2.75 4.19
N GLN A 97 -8.65 -2.05 3.26
CA GLN A 97 -10.09 -2.18 3.08
C GLN A 97 -10.48 -3.63 2.79
N THR A 98 -9.66 -4.33 2.00
CA THR A 98 -9.92 -5.70 1.66
C THR A 98 -9.63 -6.62 2.82
N GLU A 99 -8.53 -6.37 3.52
CA GLU A 99 -8.23 -7.14 4.73
C GLU A 99 -9.38 -7.04 5.74
N LEU A 100 -9.88 -5.82 5.94
CA LEU A 100 -10.99 -5.62 6.84
C LEU A 100 -12.23 -6.38 6.32
N ALA A 101 -12.44 -6.40 5.00
CA ALA A 101 -13.63 -7.03 4.44
C ALA A 101 -13.55 -8.56 4.60
N LYS A 102 -12.35 -9.11 4.83
CA LYS A 102 -12.22 -10.54 5.06
C LYS A 102 -12.32 -10.94 6.52
N ALA A 103 -12.38 -9.99 7.45
CA ALA A 103 -12.63 -10.31 8.87
C ALA A 103 -13.89 -11.16 9.09
N LYS A 104 -13.78 -12.13 9.98
CA LYS A 104 -14.90 -12.99 10.30
C LYS A 104 -15.50 -12.73 11.68
N ASP A 105 -14.94 -11.76 12.38
CA ASP A 105 -15.28 -11.47 13.75
C ASP A 105 -14.63 -10.15 14.10
N ILE A 106 -15.14 -9.55 15.18
CA ILE A 106 -14.76 -8.21 15.57
C ILE A 106 -13.29 -8.15 15.96
N THR A 107 -12.79 -9.18 16.64
CA THR A 107 -11.38 -9.13 17.06
C THR A 107 -10.41 -9.11 15.87
N ASP A 108 -10.56 -10.01 14.89
CA ASP A 108 -9.70 -9.97 13.68
C ASP A 108 -9.84 -8.63 12.96
N PHE A 109 -11.04 -8.05 12.97
CA PHE A 109 -11.24 -6.75 12.30
C PHE A 109 -10.34 -5.70 12.97
N ILE A 110 -10.47 -5.52 14.27
CA ILE A 110 -9.83 -4.38 14.96
C ILE A 110 -8.30 -4.62 15.09
N GLU A 111 -7.90 -5.89 15.11
CA GLU A 111 -6.47 -6.28 15.11
C GLU A 111 -5.79 -6.18 13.75
N THR A 112 -6.53 -5.88 12.68
CA THR A 112 -5.94 -5.68 11.39
C THR A 112 -4.75 -4.71 11.42
N THR A 113 -3.64 -5.11 10.81
CA THR A 113 -2.42 -4.32 10.90
C THR A 113 -2.43 -3.20 9.86
N ILE A 114 -2.21 -1.95 10.28
CA ILE A 114 -2.06 -0.84 9.30
C ILE A 114 -0.56 -0.45 9.23
N ASN A 115 -0.16 0.20 8.14
CA ASN A 115 1.24 0.49 7.83
C ASN A 115 1.50 1.99 7.73
N LEU A 116 2.54 2.42 8.43
CA LEU A 116 2.79 3.86 8.66
C LEU A 116 3.03 4.60 7.38
N SER A 117 3.68 3.94 6.41
CA SER A 117 3.99 4.56 5.16
C SER A 117 2.74 4.95 4.34
N ASP A 118 1.56 4.39 4.67
CA ASP A 118 0.32 4.87 4.11
C ASP A 118 -0.22 6.13 4.74
N GLU A 119 0.31 6.59 5.87
CA GLU A 119 -0.34 7.72 6.60
C GLU A 119 0.08 9.10 6.09
N THR A 120 -0.56 9.52 5.01
CA THR A 120 -0.38 10.86 4.43
C THR A 120 -1.67 11.67 4.48
N LEU A 121 -1.53 12.98 4.38
CA LEU A 121 -2.68 13.84 4.33
C LEU A 121 -3.42 13.55 3.04
N THR A 122 -2.75 13.11 1.99
CA THR A 122 -3.51 12.73 0.77
C THR A 122 -4.44 11.56 0.94
N LYS A 123 -4.01 10.48 1.60
CA LYS A 123 -4.93 9.39 1.95
C LYS A 123 -5.99 9.86 2.95
N GLY A 124 -5.57 10.75 3.84
CA GLY A 124 -6.30 10.94 5.08
C GLY A 124 -5.69 10.01 6.11
N LEU A 125 -5.62 10.46 7.35
CA LEU A 125 -5.01 9.67 8.42
C LEU A 125 -6.00 8.62 8.88
N THR A 126 -5.52 7.42 9.17
CA THR A 126 -6.43 6.38 9.60
C THR A 126 -7.00 6.74 10.97
N MSE A 127 -8.31 6.63 11.12
CA MSE A 127 -8.98 6.88 12.42
C MSE A 127 -9.99 5.76 12.67
O MSE A 127 -10.50 5.16 11.72
CB MSE A 127 -9.79 8.20 12.37
CG MSE A 127 -9.02 9.40 11.95
SE MSE A 127 -10.20 10.68 11.12
CE MSE A 127 -8.82 11.96 10.54
N SER A 128 -10.33 5.51 13.93
CA SER A 128 -11.35 4.53 14.26
C SER A 128 -12.25 4.96 15.40
N SER A 129 -13.45 4.39 15.40
CA SER A 129 -14.38 4.48 16.51
C SER A 129 -14.11 3.38 17.49
N LYS A 130 -14.80 3.42 18.62
CA LYS A 130 -14.83 2.28 19.54
C LYS A 130 -15.75 1.24 18.98
N VAL A 131 -15.83 0.09 19.64
CA VAL A 131 -16.79 -0.92 19.23
C VAL A 131 -18.16 -0.59 19.82
N LEU A 132 -19.17 -0.47 18.96
CA LEU A 132 -20.55 -0.13 19.35
C LEU A 132 -21.37 -1.38 19.51
N ASP A 133 -22.29 -1.38 20.46
CA ASP A 133 -23.25 -2.47 20.58
C ASP A 133 -24.65 -1.95 20.28
N VAL A 134 -25.31 -2.47 19.26
CA VAL A 134 -26.63 -2.02 18.86
C VAL A 134 -27.55 -3.20 18.51
N THR A 135 -28.85 -2.96 18.55
CA THR A 135 -29.82 -3.95 18.05
C THR A 135 -30.46 -3.42 16.79
N LEU A 136 -30.17 -4.09 15.68
CA LEU A 136 -30.70 -3.69 14.37
C LEU A 136 -32.09 -4.28 14.22
N VAL A 137 -33.05 -3.45 13.84
CA VAL A 137 -34.45 -3.86 13.68
C VAL A 137 -34.67 -4.31 12.24
N ALA A 138 -35.35 -5.44 12.11
CA ALA A 138 -35.58 -6.04 10.78
C ALA A 138 -36.50 -5.18 9.92
N ASN A 139 -36.28 -5.25 8.60
CA ASN A 139 -37.17 -4.63 7.61
C ASN A 139 -37.35 -3.16 7.83
N THR A 140 -36.26 -2.44 8.08
CA THR A 140 -36.34 -1.00 8.25
C THR A 140 -34.97 -0.39 8.16
N THR A 141 -34.91 0.93 7.98
CA THR A 141 -33.65 1.64 8.01
C THR A 141 -33.17 1.92 9.46
N ASN A 142 -32.04 1.32 9.84
CA ASN A 142 -31.44 1.62 11.14
C ASN A 142 -30.40 2.72 10.99
N TYR A 143 -30.47 3.70 11.90
CA TYR A 143 -29.52 4.79 11.87
C TYR A 143 -28.57 4.70 13.07
N ILE A 144 -27.30 5.00 12.83
CA ILE A 144 -26.33 5.17 13.91
C ILE A 144 -25.69 6.53 13.78
N GLY A 145 -25.97 7.37 14.78
CA GLY A 145 -25.35 8.68 14.88
C GLY A 145 -26.21 9.84 14.40
N TYR A 146 -27.50 9.60 14.14
CA TYR A 146 -28.36 10.63 13.54
C TYR A 146 -29.25 11.32 14.56
N ASP A 147 -29.17 10.94 15.83
CA ASP A 147 -29.93 11.61 16.88
C ASP A 147 -29.27 11.36 18.22
N ASP A 148 -29.66 12.15 19.22
CA ASP A 148 -29.08 12.00 20.57
C ASP A 148 -30.00 11.18 21.49
N GLU A 149 -30.84 10.35 20.90
CA GLU A 149 -31.69 9.49 21.68
C GLU A 149 -32.07 8.31 20.78
N VAL A 150 -32.31 7.13 21.34
CA VAL A 150 -32.77 5.98 20.55
C VAL A 150 -34.27 6.18 20.24
N GLY A 151 -34.70 5.83 19.04
CA GLY A 151 -36.10 5.96 18.70
C GLY A 151 -36.39 6.24 17.24
N ASP A 152 -37.66 6.30 16.92
CA ASP A 152 -38.06 6.41 15.53
C ASP A 152 -37.76 7.81 15.03
N ILE A 153 -37.06 7.91 13.92
CA ILE A 153 -36.76 9.21 13.34
C ILE A 153 -36.99 9.14 11.84
N THR A 154 -36.96 10.30 11.20
CA THR A 154 -36.99 10.37 9.72
C THR A 154 -35.87 11.24 9.23
N VAL A 155 -35.15 10.72 8.25
CA VAL A 155 -34.02 11.40 7.69
C VAL A 155 -34.25 11.40 6.17
N LYS A 156 -34.35 12.61 5.62
CA LYS A 156 -34.62 12.78 4.17
C LYS A 156 -35.79 11.93 3.73
N ASP A 157 -36.88 11.97 4.49
CA ASP A 157 -38.15 11.28 4.20
C ASP A 157 -38.10 9.75 4.29
N ILE A 158 -36.92 9.19 4.60
CA ILE A 158 -36.77 7.76 4.92
C ILE A 158 -36.91 7.62 6.43
N SER A 159 -38.02 7.06 6.87
CA SER A 159 -38.22 6.87 8.29
C SER A 159 -37.54 5.56 8.70
N GLY A 160 -37.14 5.49 9.95
CA GLY A 160 -36.46 4.32 10.47
C GLY A 160 -36.26 4.48 11.97
N LYS A 161 -35.13 4.02 12.46
CA LYS A 161 -34.91 4.01 13.91
C LYS A 161 -33.46 4.25 14.22
N GLU A 162 -33.20 5.24 15.06
CA GLU A 162 -31.87 5.44 15.62
C GLU A 162 -31.65 4.38 16.71
N VAL A 163 -30.58 3.62 16.56
CA VAL A 163 -30.33 2.46 17.40
C VAL A 163 -29.12 2.62 18.30
N TYR A 164 -28.38 3.71 18.16
CA TYR A 164 -27.22 4.01 18.98
C TYR A 164 -27.52 5.19 19.89
N GLY A 165 -27.94 6.32 19.33
CA GLY A 165 -28.56 7.37 20.16
C GLY A 165 -27.69 8.36 20.95
N ALA A 166 -26.40 8.46 20.63
CA ALA A 166 -25.55 9.41 21.34
C ALA A 166 -24.87 10.40 20.41
N GLY A 167 -25.56 10.87 19.40
CA GLY A 167 -24.99 11.82 18.47
C GLY A 167 -24.07 11.14 17.47
N PRO A 168 -23.47 11.91 16.57
CA PRO A 168 -22.59 11.31 15.56
C PRO A 168 -21.41 10.53 16.16
N VAL A 169 -21.00 9.45 15.49
CA VAL A 169 -19.96 8.57 16.06
C VAL A 169 -18.61 9.26 16.02
N PRO A 170 -17.97 9.43 17.20
CA PRO A 170 -16.62 10.03 17.21
C PRO A 170 -15.58 9.06 16.69
N LEU A 171 -14.59 9.61 16.01
CA LEU A 171 -13.44 8.84 15.51
C LEU A 171 -12.21 9.37 16.19
N VAL A 172 -11.26 8.47 16.50
CA VAL A 172 -9.99 8.84 17.07
C VAL A 172 -8.86 8.42 16.17
N ARG A 173 -7.94 9.34 15.90
CA ARG A 173 -6.82 9.05 15.00
C ARG A 173 -5.99 7.88 15.51
N ASP A 174 -5.39 7.14 14.58
CA ASP A 174 -4.56 6.01 14.91
C ASP A 174 -3.06 6.45 14.95
N VAL A 175 -2.75 7.71 14.66
CA VAL A 175 -1.38 8.19 14.69
C VAL A 175 -1.24 9.26 15.81
N ALA A 176 0.00 9.55 16.17
CA ALA A 176 0.41 10.68 17.04
C ALA A 176 1.20 11.65 16.20
N SER A 177 1.29 12.91 16.65
CA SER A 177 2.03 13.94 15.94
C SER A 177 3.19 14.35 16.80
N ILE A 178 4.41 14.37 16.24
CA ILE A 178 5.58 14.77 17.00
C ILE A 178 6.24 15.94 16.28
N ALA A 179 6.52 16.99 17.03
CA ALA A 179 7.19 18.19 16.46
C ALA A 179 8.15 18.81 17.45
N LEU A 180 9.21 19.40 16.90
CA LEU A 180 10.15 20.22 17.62
C LEU A 180 9.61 21.65 17.61
N ALA A 181 9.24 22.11 18.80
CA ALA A 181 8.65 23.42 19.01
C ALA A 181 9.76 24.45 19.17
N GLY A 182 10.89 24.08 19.72
CA GLY A 182 12.03 25.03 19.74
C GLY A 182 13.31 24.37 20.18
N ALA A 183 14.44 25.00 19.85
CA ALA A 183 15.75 24.48 20.23
C ALA A 183 16.71 25.60 20.45
N ASP A 184 16.86 26.06 21.70
CA ASP A 184 17.80 27.12 22.03
C ASP A 184 18.85 26.68 23.05
N ILE A 185 19.69 27.61 23.48
CA ILE A 185 20.87 27.32 24.27
C ILE A 185 20.65 27.76 25.69
N GLY A 186 21.40 27.17 26.60
CA GLY A 186 21.48 27.64 27.98
C GLY A 186 22.84 27.26 28.51
N ASN A 187 23.18 27.67 29.72
CA ASN A 187 24.45 27.23 30.33
C ASN A 187 24.26 26.17 31.42
N PRO A 188 25.25 25.24 31.57
CA PRO A 188 25.28 24.30 32.70
C PRO A 188 25.76 24.96 33.97
N GLU A 189 25.36 24.42 35.14
CA GLU A 189 25.83 25.00 36.42
C GLU A 189 27.35 24.84 36.50
N ASN A 190 27.84 23.62 36.21
CA ASN A 190 29.29 23.28 36.07
C ASN A 190 30.20 24.41 35.56
N ALA A 191 29.83 24.95 34.39
CA ALA A 191 30.30 26.23 33.95
C ALA A 191 31.78 26.33 33.53
N ASN A 192 32.39 25.24 33.02
CA ASN A 192 33.68 25.34 32.28
C ASN A 192 33.61 26.26 31.01
N TYR A 193 32.38 26.64 30.62
CA TYR A 193 32.14 27.37 29.34
C TYR A 193 30.74 28.00 29.26
N GLU A 194 30.62 28.97 28.36
CA GLU A 194 29.37 29.58 27.99
C GLU A 194 28.86 29.07 26.62
N SER A 195 27.58 28.77 26.52
CA SER A 195 26.97 28.48 25.25
C SER A 195 26.82 29.79 24.52
N LYS A 196 27.11 29.82 23.22
CA LYS A 196 26.95 31.02 22.42
C LYS A 196 25.85 30.95 21.37
N SER A 197 25.70 29.81 20.70
CA SER A 197 24.66 29.68 19.68
C SER A 197 24.44 28.22 19.30
N PHE A 198 23.29 27.95 18.72
CA PHE A 198 23.03 26.64 18.11
C PHE A 198 22.21 26.91 16.86
N VAL A 199 22.70 26.41 15.73
CA VAL A 199 22.00 26.51 14.45
C VAL A 199 21.50 25.12 14.08
N LEU A 200 20.18 24.99 14.01
CA LEU A 200 19.53 23.76 13.66
C LEU A 200 19.70 23.40 12.16
N LYS A 201 20.14 22.18 11.87
CA LYS A 201 20.30 21.71 10.47
C LYS A 201 19.30 20.63 10.06
N GLU A 202 18.95 19.75 11.00
CA GLU A 202 18.08 18.59 10.68
C GLU A 202 17.32 18.13 11.92
N VAL A 203 16.12 17.60 11.71
CA VAL A 203 15.35 16.92 12.73
C VAL A 203 14.92 15.57 12.17
N PHE A 204 15.04 14.51 12.96
CA PHE A 204 14.51 13.21 12.52
C PHE A 204 14.03 12.33 13.65
N ILE A 205 13.27 11.30 13.27
CA ILE A 205 12.68 10.39 14.22
C ILE A 205 13.31 9.00 14.06
N ALA A 206 13.57 8.32 15.17
CA ALA A 206 14.11 6.93 15.13
C ALA A 206 13.22 6.04 15.98
N SER A 207 13.19 4.73 15.71
CA SER A 207 12.32 3.82 16.43
C SER A 207 10.85 4.23 16.48
N ALA A 208 10.32 4.67 15.33
CA ALA A 208 8.88 4.86 15.14
C ALA A 208 8.30 3.48 14.84
N LYS A 209 7.33 3.02 15.63
CA LYS A 209 6.65 1.79 15.27
C LYS A 209 5.92 2.04 13.96
N GLY A 210 6.19 1.19 12.97
CA GLY A 210 5.62 1.39 11.66
C GLY A 210 4.41 0.57 11.40
N VAL A 211 3.98 -0.17 12.43
CA VAL A 211 2.75 -0.98 12.38
C VAL A 211 1.90 -0.69 13.63
N SER A 212 0.58 -0.88 13.47
CA SER A 212 -0.43 -0.63 14.52
C SER A 212 -1.67 -1.48 14.25
N SER A 213 -2.42 -1.79 15.28
CA SER A 213 -3.81 -2.28 15.09
C SER A 213 -4.67 -1.09 14.54
N VAL A 214 -5.73 -1.40 13.82
CA VAL A 214 -6.56 -0.37 13.22
C VAL A 214 -7.53 0.27 14.25
N ALA A 215 -7.96 -0.48 15.24
CA ALA A 215 -8.95 0.01 16.20
C ALA A 215 -8.81 -0.69 17.53
N SER A 216 -9.38 -0.05 18.57
CA SER A 216 -9.48 -0.58 19.90
C SER A 216 -10.95 -0.76 20.31
N THR A 217 -11.18 -1.66 21.27
CA THR A 217 -12.53 -1.91 21.77
C THR A 217 -13.14 -0.69 22.43
N GLU A 218 -12.34 -0.05 23.27
CA GLU A 218 -12.76 1.15 23.94
C GLU A 218 -12.38 2.39 23.12
N GLU A 219 -13.07 3.48 23.41
CA GLU A 219 -12.78 4.78 22.81
C GLU A 219 -11.38 5.20 23.18
N TRP A 220 -10.56 5.54 22.20
CA TRP A 220 -9.20 6.01 22.47
C TRP A 220 -8.36 4.98 23.24
N GLY A 221 -8.62 3.69 22.99
CA GLY A 221 -7.88 2.63 23.63
C GLY A 221 -6.59 2.33 22.86
N THR A 222 -5.70 1.60 23.53
CA THR A 222 -4.42 1.26 22.95
C THR A 222 -4.60 0.37 21.72
N ILE A 223 -3.81 0.68 20.68
CA ILE A 223 -3.78 -0.02 19.42
C ILE A 223 -2.35 -0.41 19.06
N GLU A 224 -1.44 -0.22 20.01
CA GLU A 224 -0.02 -0.53 19.83
C GLU A 224 0.17 -2.01 19.56
N LYS A 225 1.08 -2.31 18.65
CA LYS A 225 1.50 -3.69 18.40
C LYS A 225 2.72 -4.02 19.24
N ASP A 226 2.65 -5.15 19.96
CA ASP A 226 3.82 -5.69 20.61
C ASP A 226 4.81 -6.11 19.55
N PHE A 227 6.10 -5.96 19.86
CA PHE A 227 7.19 -6.37 18.95
C PHE A 227 7.96 -7.53 19.57
N PHE A 228 8.65 -8.29 18.74
CA PHE A 228 9.39 -9.47 19.19
C PHE A 228 8.48 -10.49 19.93
N GLY A 229 8.98 -11.15 20.97
CA GLY A 229 8.22 -12.22 21.63
C GLY A 229 7.77 -13.23 20.60
N ASP A 230 6.49 -13.57 20.59
CA ASP A 230 5.94 -14.49 19.59
C ASP A 230 5.22 -13.79 18.41
N THR A 231 5.40 -12.47 18.31
CA THR A 231 4.81 -11.69 17.23
C THR A 231 5.71 -11.83 16.03
N HIS A 232 5.30 -11.31 14.89
CA HIS A 232 6.19 -11.33 13.73
C HIS A 232 6.68 -9.92 13.35
N PHE A 233 6.72 -9.03 14.35
CA PHE A 233 7.27 -7.70 14.17
C PHE A 233 8.63 -7.66 14.79
N GLY A 234 9.54 -7.03 14.06
CA GLY A 234 10.90 -6.86 14.51
C GLY A 234 11.49 -5.56 14.07
N TYR A 235 12.82 -5.54 13.99
CA TYR A 235 13.51 -4.30 13.74
C TYR A 235 13.10 -3.62 12.41
N LEU A 236 12.85 -4.37 11.36
CA LEU A 236 12.49 -3.74 10.07
C LEU A 236 11.12 -3.01 10.18
N ASP A 237 10.35 -3.35 11.21
CA ASP A 237 9.02 -2.75 11.49
C ASP A 237 9.07 -1.48 12.28
N TYR A 238 10.22 -1.20 12.90
CA TYR A 238 10.57 0.13 13.34
C TYR A 238 11.00 0.96 12.11
N LYS A 239 10.62 2.25 12.11
CA LYS A 239 10.95 3.14 11.02
C LYS A 239 11.80 4.31 11.48
N VAL A 240 12.67 4.78 10.60
CA VAL A 240 13.69 5.74 10.95
C VAL A 240 13.90 6.67 9.75
N GLY A 241 14.16 7.94 10.05
CA GLY A 241 14.21 8.97 9.01
C GLY A 241 15.47 9.00 8.16
N LEU A 242 16.57 8.54 8.74
CA LEU A 242 17.86 8.49 8.08
C LEU A 242 18.59 7.17 8.39
N LEU A 243 19.47 6.77 7.47
CA LEU A 243 20.35 5.64 7.66
C LEU A 243 21.81 6.16 7.80
N PHE A 244 22.62 5.44 8.55
CA PHE A 244 24.01 5.85 8.77
C PHE A 244 24.95 4.73 8.34
N LEU A 245 26.24 5.01 8.24
CA LEU A 245 27.19 3.97 7.76
C LEU A 245 27.35 2.87 8.82
N THR A 246 27.48 1.64 8.35
CA THR A 246 27.67 0.48 9.21
C THR A 246 29.14 -0.02 9.24
N SER A 247 29.98 0.53 8.35
CA SER A 247 31.42 0.23 8.33
C SER A 247 32.25 1.50 8.07
N PRO A 248 33.47 1.55 8.62
CA PRO A 248 34.08 0.57 9.51
C PRO A 248 33.45 0.63 10.90
N ASN A 249 33.21 1.85 11.39
CA ASN A 249 32.49 2.07 12.65
C ASN A 249 31.02 1.98 12.30
N ASN A 250 30.32 0.98 12.82
CA ASN A 250 28.87 0.91 12.65
C ASN A 250 28.21 1.97 13.48
N ILE A 251 27.81 3.05 12.85
CA ILE A 251 27.11 4.08 13.57
C ILE A 251 25.60 4.08 13.35
N ASP A 252 25.07 3.09 12.62
CA ASP A 252 23.61 3.00 12.41
C ASP A 252 22.84 2.41 13.59
N GLU A 253 23.59 2.00 14.60
CA GLU A 253 23.09 1.40 15.82
CA GLU A 253 23.06 1.47 15.83
C GLU A 253 23.93 2.02 16.93
N GLY A 254 23.42 2.00 18.16
CA GLY A 254 24.17 2.38 19.36
C GLY A 254 23.40 2.07 20.62
N SER A 255 23.84 2.60 21.76
CA SER A 255 23.08 2.39 23.03
C SER A 255 21.64 2.97 22.97
N TYR A 256 21.42 3.94 22.10
CA TYR A 256 20.14 4.60 21.99
C TYR A 256 19.14 3.95 21.01
N LYS A 257 19.61 3.08 20.11
CA LYS A 257 18.82 2.66 18.96
C LYS A 257 19.40 1.37 18.46
N LYS A 258 18.60 0.30 18.54
CA LYS A 258 19.03 -1.02 18.11
C LYS A 258 18.37 -1.43 16.81
N GLY A 259 19.10 -2.24 16.05
CA GLY A 259 18.60 -2.88 14.85
C GLY A 259 18.71 -2.10 13.54
N LEU A 260 18.69 -2.84 12.45
CA LEU A 260 18.49 -2.24 11.15
C LEU A 260 17.00 -1.97 11.02
N GLN A 261 16.66 -0.69 11.08
CA GLN A 261 15.31 -0.22 10.96
C GLN A 261 15.14 0.27 9.50
N THR A 262 13.88 0.34 9.09
CA THR A 262 13.55 0.75 7.73
C THR A 262 13.45 2.27 7.58
N LYS A 263 14.20 2.81 6.64
CA LYS A 263 14.14 4.22 6.32
C LYS A 263 12.80 4.62 5.73
N TYR A 264 12.28 5.70 6.26
CA TYR A 264 11.08 6.31 5.76
C TYR A 264 11.38 7.81 5.69
N ASP A 265 11.47 8.32 4.47
CA ASP A 265 11.89 9.71 4.24
C ASP A 265 11.00 10.74 4.93
N ALA A 266 9.73 10.40 5.16
CA ALA A 266 8.81 11.32 5.85
C ALA A 266 9.26 11.58 7.29
N LEU A 267 10.10 10.71 7.83
CA LEU A 267 10.58 10.86 9.22
C LEU A 267 11.89 11.64 9.38
N ALA A 268 12.33 12.36 8.34
CA ALA A 268 13.43 13.35 8.46
C ALA A 268 13.07 14.67 7.79
N LYS A 269 13.55 15.76 8.37
CA LYS A 269 13.35 17.08 7.78
C LYS A 269 14.59 17.92 7.98
N LYS A 270 15.08 18.42 6.86
CA LYS A 270 16.12 19.44 6.83
C LYS A 270 15.54 20.81 7.23
N HIS A 271 16.29 21.58 8.01
CA HIS A 271 15.89 22.95 8.41
C HIS A 271 16.50 23.97 7.46
N VAL A 272 15.67 24.69 6.73
CA VAL A 272 16.10 25.80 5.87
C VAL A 272 15.13 26.98 6.08
N GLU A 273 15.66 28.21 6.11
CA GLU A 273 14.88 29.43 6.45
C GLU A 273 13.47 29.42 5.82
N ASN A 274 13.42 29.06 4.55
CA ASN A 274 12.18 29.02 3.81
C ASN A 274 11.26 27.86 4.18
N ASP A 275 11.83 26.70 4.52
CA ASP A 275 11.07 25.46 4.77
C ASP A 275 11.59 24.79 6.04
N PRO A 276 11.18 25.31 7.21
CA PRO A 276 11.79 24.95 8.48
C PRO A 276 11.44 23.56 8.99
N ALA A 277 12.36 23.02 9.81
CA ALA A 277 12.17 21.77 10.52
C ALA A 277 11.41 22.03 11.81
N LEU A 278 11.51 23.25 12.31
CA LEU A 278 10.74 23.69 13.48
C LEU A 278 9.25 23.68 13.22
N ASN A 279 8.51 23.13 14.17
CA ASN A 279 7.11 22.92 14.08
C ASN A 279 6.64 21.97 12.96
N HIS A 280 7.54 21.32 12.25
CA HIS A 280 7.14 20.35 11.28
C HIS A 280 6.64 19.10 12.03
N GLU A 281 5.44 18.65 11.70
CA GLU A 281 4.85 17.51 12.42
C GLU A 281 5.23 16.19 11.76
N PHE A 282 5.64 15.21 12.57
CA PHE A 282 5.92 13.85 12.13
C PHE A 282 4.84 12.96 12.69
N TYR A 283 4.34 12.04 11.87
CA TYR A 283 3.30 11.13 12.25
C TYR A 283 3.88 9.74 12.48
N VAL A 284 3.46 9.14 13.61
CA VAL A 284 4.02 7.87 14.04
C VAL A 284 2.87 7.09 14.66
N TYR A 285 3.03 5.78 14.80
CA TYR A 285 2.05 4.97 15.53
C TYR A 285 2.47 4.91 17.01
N GLU A 286 1.62 4.28 17.82
CA GLU A 286 1.92 4.14 19.25
C GLU A 286 3.18 3.34 19.46
N ASN A 287 3.94 3.79 20.44
CA ASN A 287 5.06 3.07 20.99
C ASN A 287 5.26 3.47 22.46
N THR A 288 4.90 2.57 23.35
CA THR A 288 5.13 2.72 24.78
C THR A 288 6.08 1.67 25.27
N LYS A 289 6.16 0.55 24.55
CA LYS A 289 7.01 -0.54 25.03
C LYS A 289 8.46 -0.50 24.54
N GLY A 290 8.71 0.04 23.35
CA GLY A 290 10.08 0.18 22.85
C GLY A 290 10.89 -1.12 22.88
N GLU A 291 10.28 -2.23 22.50
CA GLU A 291 10.97 -3.53 22.62
C GLU A 291 12.21 -3.63 21.75
N VAL A 292 13.25 -4.27 22.29
CA VAL A 292 14.40 -4.71 21.50
C VAL A 292 14.44 -6.24 21.51
N LYS A 293 15.23 -6.81 20.62
CA LYS A 293 15.33 -8.26 20.52
C LYS A 293 15.98 -8.81 21.77
N SER A 294 15.60 -10.00 22.22
CA SER A 294 16.22 -10.57 23.41
C SER A 294 17.71 -10.83 23.11
N GLY A 295 18.55 -10.60 24.10
CA GLY A 295 19.96 -10.85 23.93
C GLY A 295 20.79 -9.77 23.29
N GLU A 296 20.24 -8.57 23.18
CA GLU A 296 20.96 -7.44 22.57
C GLU A 296 21.98 -6.94 23.64
N SER A 297 23.18 -6.52 23.25
CA SER A 297 24.12 -5.91 24.18
C SER A 297 24.05 -4.40 24.12
N ASN A 298 24.53 -3.80 25.18
CA ASN A 298 24.72 -2.37 25.29
C ASN A 298 23.45 -1.60 24.94
N VAL A 299 22.40 -1.85 25.72
CA VAL A 299 21.10 -1.27 25.54
C VAL A 299 20.86 -0.25 26.67
N ASN A 300 20.67 1.02 26.29
CA ASN A 300 20.17 2.01 27.24
C ASN A 300 18.64 1.99 27.14
N GLU A 301 18.03 1.37 28.12
CA GLU A 301 16.61 1.06 28.07
C GLU A 301 15.69 2.29 28.14
N ALA A 302 16.22 3.41 28.61
CA ALA A 302 15.52 4.67 28.49
C ALA A 302 15.42 5.15 27.02
N TYR A 303 16.32 4.73 26.13
CA TYR A 303 16.25 5.17 24.73
C TYR A 303 15.85 4.12 23.73
N ALA A 304 16.54 2.96 23.76
CA ALA A 304 16.31 1.84 22.81
C ALA A 304 15.18 0.91 23.29
N ASN A 305 14.10 0.70 22.52
CA ASN A 305 13.80 1.34 21.22
C ASN A 305 12.50 2.13 21.36
N HIS A 306 12.51 3.02 22.33
CA HIS A 306 11.50 4.04 22.40
C HIS A 306 11.70 4.99 21.26
N THR A 307 10.62 5.60 20.80
CA THR A 307 10.69 6.56 19.71
C THR A 307 11.49 7.78 20.15
N LEU A 308 12.45 8.17 19.31
CA LEU A 308 13.36 9.29 19.59
C LEU A 308 13.07 10.40 18.61
N LEU A 309 13.16 11.63 19.11
CA LEU A 309 13.38 12.78 18.31
C LEU A 309 14.83 13.18 18.45
N ILE A 310 15.51 13.26 17.30
CA ILE A 310 16.92 13.62 17.28
C ILE A 310 17.13 14.86 16.41
N VAL A 311 17.83 15.86 16.97
CA VAL A 311 18.23 17.05 16.22
C VAL A 311 19.74 17.08 15.95
N LYS A 312 20.08 17.65 14.81
CA LYS A 312 21.45 17.90 14.42
C LYS A 312 21.65 19.38 14.14
N GLY A 313 22.76 19.95 14.62
CA GLY A 313 23.08 21.35 14.31
C GLY A 313 24.49 21.73 14.75
N ASP A 314 24.82 22.99 14.62
CA ASP A 314 26.17 23.49 14.89
C ASP A 314 26.13 24.22 16.20
N TYR A 315 26.97 23.80 17.16
CA TYR A 315 26.94 24.38 18.50
C TYR A 315 28.23 25.11 18.71
N THR A 316 28.10 26.34 19.17
CA THR A 316 29.22 27.21 19.42
C THR A 316 29.30 27.56 20.91
N TYR A 317 30.49 27.44 21.49
CA TYR A 317 30.70 27.78 22.89
C TYR A 317 32.01 28.54 23.07
N LEU A 318 32.11 29.23 24.21
CA LEU A 318 33.33 29.96 24.58
C LEU A 318 33.91 29.29 25.80
N PRO A 319 35.02 28.59 25.63
CA PRO A 319 35.70 27.99 26.78
C PRO A 319 36.16 29.04 27.78
N GLN A 320 35.97 28.75 29.07
CA GLN A 320 36.55 29.56 30.16
C GLN A 320 37.91 30.19 29.80
N GLY A 321 37.95 31.52 29.70
CA GLY A 321 39.21 32.23 29.52
C GLY A 321 39.83 32.22 28.14
N ALA A 322 39.20 31.56 27.17
CA ALA A 322 39.65 31.61 25.78
C ALA A 322 39.41 32.99 25.14
N LYS A 323 40.29 33.36 24.22
CA LYS A 323 40.12 34.62 23.48
C LYS A 323 38.88 34.51 22.58
N GLU A 324 38.58 33.29 22.10
CA GLU A 324 37.49 33.11 21.12
C GLU A 324 36.77 31.77 21.23
N SER A 325 35.65 31.71 20.53
CA SER A 325 34.72 30.58 20.64
C SER A 325 35.08 29.49 19.64
N ILE A 326 34.46 28.33 19.83
CA ILE A 326 34.65 27.17 18.98
C ILE A 326 33.27 26.72 18.54
N THR A 327 33.13 26.38 17.27
CA THR A 327 31.92 25.75 16.74
C THR A 327 32.19 24.27 16.43
N LYS A 328 31.38 23.42 17.02
CA LYS A 328 31.33 22.00 16.69
C LYS A 328 30.20 21.84 15.72
N GLU A 329 30.52 21.41 14.52
CA GLU A 329 29.48 21.26 13.53
C GLU A 329 28.84 19.90 13.65
N ASN A 330 27.61 19.79 13.16
CA ASN A 330 26.96 18.50 12.95
C ASN A 330 26.91 17.65 14.21
N CYS A 331 26.55 18.31 15.32
CA CYS A 331 26.30 17.72 16.62
C CYS A 331 24.90 17.15 16.71
N TYR A 332 24.76 15.98 17.33
CA TYR A 332 23.46 15.38 17.58
C TYR A 332 23.03 15.40 19.05
N TYR A 333 21.73 15.54 19.22
CA TYR A 333 21.06 15.51 20.52
C TYR A 333 19.76 14.68 20.36
N ALA A 334 19.69 13.58 21.12
CA ALA A 334 18.57 12.65 21.04
C ALA A 334 17.71 12.69 22.30
N ILE A 335 16.39 12.57 22.11
CA ILE A 335 15.36 12.66 23.14
C ILE A 335 14.39 11.51 23.04
N PRO A 336 14.23 10.74 24.11
CA PRO A 336 13.14 9.77 24.11
C PRO A 336 11.80 10.45 24.32
N VAL A 337 10.91 10.38 23.32
CA VAL A 337 9.66 11.14 23.32
C VAL A 337 8.68 10.61 24.36
N GLY A 338 8.41 11.43 25.35
CA GLY A 338 7.37 11.13 26.32
C GLY A 338 7.83 10.39 27.55
N GLU A 339 9.13 10.29 27.75
CA GLU A 339 9.69 9.79 28.99
C GLU A 339 9.15 10.55 30.22
N GLU A 340 9.05 11.85 30.05
CA GLU A 340 8.36 12.77 30.97
C GLU A 340 7.61 13.81 30.09
N VAL A 341 6.34 14.01 30.40
CA VAL A 341 5.50 14.97 29.69
C VAL A 341 4.78 15.91 30.68
N THR A 342 4.48 17.10 30.18
CA THR A 342 3.54 18.03 30.76
C THR A 342 2.26 17.82 30.00
N ILE A 343 1.19 17.58 30.74
CA ILE A 343 -0.12 17.23 30.14
C ILE A 343 -1.18 18.02 30.91
N ASP A 344 -2.34 18.23 30.29
CA ASP A 344 -3.46 19.04 30.82
C ASP A 344 -3.01 20.38 31.33
N GLY A 345 -2.15 21.05 30.57
CA GLY A 345 -1.63 22.32 31.01
C GLY A 345 -0.48 22.20 31.96
N THR A 346 -0.71 21.76 33.19
CA THR A 346 0.34 21.82 34.21
C THR A 346 0.53 20.50 35.03
N GLU A 347 -0.09 19.41 34.57
CA GLU A 347 0.14 18.10 35.17
C GLU A 347 1.38 17.47 34.56
N LYS A 348 1.89 16.43 35.24
CA LYS A 348 3.10 15.73 34.83
C LYS A 348 2.83 14.24 34.78
N ARG A 349 3.37 13.57 33.75
CA ARG A 349 3.37 12.11 33.67
C ARG A 349 4.72 11.56 33.25
N SER A 350 5.12 10.47 33.89
CA SER A 350 6.36 9.79 33.54
C SER A 350 5.96 8.54 32.73
N LYS A 351 6.82 8.15 31.82
CA LYS A 351 6.61 6.96 31.02
C LYS A 351 5.34 6.98 30.20
N PHE A 352 4.92 8.17 29.76
CA PHE A 352 3.76 8.32 28.87
C PHE A 352 4.12 7.80 27.47
N TYR A 353 5.32 8.11 27.01
CA TYR A 353 5.78 7.74 25.68
C TYR A 353 4.77 8.18 24.58
N VAL A 354 4.58 7.37 23.56
CA VAL A 354 3.86 7.79 22.36
C VAL A 354 2.53 7.09 22.24
N GLN A 355 1.45 7.86 22.40
CA GLN A 355 0.11 7.34 22.37
C GLN A 355 -0.68 8.09 21.32
N ARG A 356 -1.73 7.43 20.83
CA ARG A 356 -2.47 7.89 19.65
C ARG A 356 -3.22 9.21 19.92
N ASN A 357 -3.33 10.00 18.86
CA ASN A 357 -4.20 11.17 18.81
C ASN A 357 -3.82 12.29 19.79
N TYR A 358 -2.53 12.38 20.08
CA TYR A 358 -1.93 13.47 20.83
C TYR A 358 -0.88 14.13 19.99
N LYS A 359 -0.69 15.42 20.24
CA LYS A 359 0.36 16.19 19.64
C LYS A 359 1.41 16.37 20.71
N TYR A 360 2.65 16.06 20.34
CA TYR A 360 3.82 16.21 21.18
C TYR A 360 4.62 17.42 20.69
N GLU A 361 4.79 18.39 21.57
CA GLU A 361 5.54 19.61 21.27
CA GLU A 361 5.51 19.62 21.29
C GLU A 361 6.77 19.61 22.14
N ILE A 362 7.94 19.44 21.50
CA ILE A 362 9.23 19.26 22.19
C ILE A 362 10.07 20.55 22.09
N SER A 363 10.47 21.08 23.24
CA SER A 363 11.35 22.25 23.30
C SER A 363 12.66 21.83 23.93
N LEU A 364 13.74 22.04 23.21
CA LEU A 364 15.07 21.66 23.66
C LEU A 364 15.88 22.83 24.18
N THR A 365 16.62 22.59 25.27
CA THR A 365 17.59 23.56 25.76
C THR A 365 18.94 22.88 25.60
N ILE A 366 19.75 23.39 24.69
CA ILE A 366 21.07 22.80 24.44
C ILE A 366 22.09 23.50 25.31
N ILE A 367 22.84 22.73 26.11
CA ILE A 367 23.73 23.30 27.12
C ILE A 367 25.22 22.88 26.96
N GLY A 368 25.57 22.33 25.81
CA GLY A 368 26.93 21.86 25.58
C GLY A 368 26.98 21.17 24.24
N PRO A 369 28.18 20.72 23.82
CA PRO A 369 28.33 20.09 22.52
C PRO A 369 27.62 18.74 22.52
N GLY A 370 27.04 18.42 21.38
CA GLY A 370 26.39 17.15 21.17
C GLY A 370 27.39 16.11 20.74
N SER A 371 26.87 14.99 20.30
CA SER A 371 27.67 13.86 19.85
C SER A 371 27.87 13.96 18.37
N GLU A 372 29.01 13.48 17.90
CA GLU A 372 29.27 13.42 16.47
C GLU A 372 28.44 12.30 15.84
N ILE A 373 27.85 11.41 16.66
CA ILE A 373 27.10 10.28 16.15
C ILE A 373 25.69 10.26 16.79
N PRO A 374 24.69 9.74 16.04
CA PRO A 374 23.32 9.90 16.47
C PRO A 374 22.86 9.02 17.60
N TYR A 375 23.40 7.81 17.72
CA TYR A 375 22.78 6.83 18.63
C TYR A 375 23.61 6.50 19.85
N ASP A 376 24.61 7.31 20.12
CA ASP A 376 25.34 7.26 21.42
C ASP A 376 25.74 8.68 21.81
N PRO A 377 25.84 8.96 23.12
CA PRO A 377 26.29 10.29 23.54
C PRO A 377 27.82 10.30 23.62
N MSE A 378 28.41 11.49 23.68
CA MSE A 378 29.82 11.70 23.96
C MSE A 378 29.91 12.51 25.23
O MSE A 378 29.56 13.70 25.23
CB MSE A 378 30.51 12.42 22.80
CG MSE A 378 30.93 11.47 21.70
SE MSE A 378 31.83 12.24 20.17
CE MSE A 378 31.39 10.63 19.13
N ILE A 379 30.31 11.85 26.32
CA ILE A 379 30.54 12.41 27.65
C ILE A 379 29.27 12.82 28.37
N SER A 380 28.41 13.63 27.75
CA SER A 380 27.13 14.06 28.34
C SER A 380 26.16 14.36 27.21
N THR A 381 24.87 14.14 27.47
CA THR A 381 23.84 14.40 26.48
C THR A 381 23.84 15.90 26.09
N ASN A 382 24.07 16.77 27.07
CA ASN A 382 24.09 18.24 26.90
C ASN A 382 22.81 18.84 26.32
N VAL A 383 21.69 18.18 26.63
CA VAL A 383 20.38 18.64 26.21
C VAL A 383 19.38 18.37 27.31
N SER A 384 18.49 19.32 27.50
CA SER A 384 17.37 19.20 28.42
C SER A 384 16.10 19.39 27.55
N ALA A 385 15.09 18.55 27.77
CA ALA A 385 13.89 18.59 26.98
C ALA A 385 12.63 18.77 27.83
N SER A 386 11.72 19.58 27.32
CA SER A 386 10.41 19.80 27.85
C SER A 386 9.44 19.40 26.74
N VAL A 387 8.58 18.42 27.06
CA VAL A 387 7.62 17.86 26.12
C VAL A 387 6.19 18.15 26.62
N LYS A 388 5.45 18.97 25.86
CA LYS A 388 4.04 19.20 26.11
C LYS A 388 3.25 18.25 25.28
N VAL A 389 2.29 17.61 25.92
CA VAL A 389 1.31 16.79 25.25
C VAL A 389 -0.06 17.46 25.32
N GLU A 390 -0.69 17.56 24.16
CA GLU A 390 -1.99 18.16 23.94
C GLU A 390 -2.85 17.15 23.20
N PRO A 391 -4.12 16.94 23.62
CA PRO A 391 -5.01 16.18 22.75
C PRO A 391 -5.17 16.86 21.40
N TRP A 392 -5.38 16.06 20.36
CA TRP A 392 -5.18 16.53 18.99
C TRP A 392 -6.45 17.06 18.34
N ASN A 393 -6.57 18.39 18.33
CA ASN A 393 -7.56 19.19 17.55
C ASN A 393 -8.91 19.33 18.24
N ALA B 11 39.65 -22.36 12.27
CA ALA B 11 38.41 -21.73 12.82
C ALA B 11 37.53 -20.99 11.77
N PRO B 12 37.16 -21.66 10.65
CA PRO B 12 36.31 -21.04 9.60
C PRO B 12 35.04 -20.31 10.05
N VAL B 13 34.91 -19.07 9.58
CA VAL B 13 33.71 -18.28 9.74
C VAL B 13 33.25 -17.82 8.36
N LEU B 14 32.02 -17.37 8.27
CA LEU B 14 31.54 -16.79 7.02
C LEU B 14 32.39 -15.54 6.66
N GLU B 15 32.83 -15.45 5.41
CA GLU B 15 33.59 -14.30 4.89
C GLU B 15 32.73 -13.20 4.23
N LYS B 16 33.22 -11.97 4.30
CA LYS B 16 32.53 -10.84 3.73
C LYS B 16 32.90 -10.71 2.24
N ALA B 17 31.99 -10.13 1.49
CA ALA B 17 32.19 -9.77 0.10
C ALA B 17 31.23 -8.65 -0.22
N GLN B 18 31.30 -8.16 -1.45
CA GLN B 18 30.39 -7.15 -1.89
C GLN B 18 29.75 -7.61 -3.20
N LEU B 19 28.55 -7.08 -3.45
CA LEU B 19 27.78 -7.38 -4.65
C LEU B 19 27.29 -6.08 -5.29
N ALA B 20 27.47 -5.95 -6.61
CA ALA B 20 26.77 -4.92 -7.38
C ALA B 20 26.04 -5.62 -8.51
N LEU B 21 24.88 -5.12 -8.87
CA LEU B 21 24.06 -5.81 -9.89
C LEU B 21 23.47 -4.81 -10.86
N ALA B 22 23.62 -5.10 -12.17
CA ALA B 22 23.03 -4.28 -13.24
C ALA B 22 21.88 -4.99 -13.95
N ILE B 23 20.82 -4.23 -14.22
CA ILE B 23 19.66 -4.76 -14.95
C ILE B 23 19.54 -4.12 -16.33
N LYS B 24 18.88 -4.85 -17.22
CA LYS B 24 18.62 -4.32 -18.56
C LYS B 24 17.45 -3.35 -18.55
N SER B 25 17.69 -2.10 -18.92
CA SER B 25 16.64 -1.08 -18.99
C SER B 25 15.99 -1.08 -20.39
N GLU B 26 14.88 -0.35 -20.55
CA GLU B 26 14.10 -0.41 -21.81
C GLU B 26 13.75 1.00 -22.30
N THR B 37 7.70 12.84 -17.06
CA THR B 37 6.49 12.01 -16.97
C THR B 37 6.84 10.50 -16.93
N PRO B 38 6.13 9.70 -16.09
CA PRO B 38 6.44 8.27 -15.91
C PRO B 38 6.09 7.37 -17.10
N THR B 39 6.84 6.29 -17.31
CA THR B 39 6.51 5.30 -18.34
C THR B 39 6.43 3.92 -17.74
N ASP B 40 5.83 3.00 -18.50
CA ASP B 40 5.60 1.62 -18.06
C ASP B 40 6.84 0.73 -18.10
N ALA B 41 7.93 1.35 -18.54
CA ALA B 41 9.26 0.78 -18.54
C ALA B 41 10.16 1.32 -17.40
N ASP B 42 9.67 2.27 -16.59
CA ASP B 42 10.50 2.89 -15.53
C ASP B 42 10.97 1.88 -14.49
N VAL B 43 12.23 2.01 -14.09
CA VAL B 43 12.81 1.21 -12.99
C VAL B 43 13.33 2.23 -11.97
N ASN B 44 12.62 2.32 -10.84
CA ASN B 44 12.83 3.37 -9.86
C ASN B 44 13.63 2.82 -8.68
N THR B 45 13.24 1.65 -8.19
CA THR B 45 13.97 1.01 -7.12
C THR B 45 14.23 -0.43 -7.51
N LEU B 46 15.25 -1.02 -6.91
CA LEU B 46 15.56 -2.42 -7.09
C LEU B 46 15.72 -3.04 -5.74
N THR B 47 15.01 -4.13 -5.53
CA THR B 47 15.14 -4.91 -4.29
C THR B 47 15.88 -6.17 -4.66
N VAL B 48 16.95 -6.45 -3.97
CA VAL B 48 17.73 -7.66 -4.29
C VAL B 48 17.69 -8.61 -3.12
N GLY B 49 17.35 -9.86 -3.40
CA GLY B 49 17.44 -10.95 -2.44
C GLY B 49 18.61 -11.87 -2.75
N VAL B 50 19.53 -12.03 -1.78
CA VAL B 50 20.74 -12.85 -1.91
C VAL B 50 20.65 -13.93 -0.86
N PHE B 51 20.47 -15.16 -1.31
CA PHE B 51 20.22 -16.29 -0.41
C PHE B 51 21.38 -17.26 -0.57
N GLY B 52 22.28 -17.29 0.40
CA GLY B 52 23.33 -18.29 0.41
C GLY B 52 22.79 -19.70 0.59
N VAL B 53 23.36 -20.64 -0.15
CA VAL B 53 23.00 -22.03 0.00
C VAL B 53 23.32 -22.48 1.41
N ASP B 54 24.31 -21.86 2.06
CA ASP B 54 24.62 -22.19 3.44
C ASP B 54 23.70 -21.57 4.51
N GLY B 55 22.60 -20.94 4.13
CA GLY B 55 21.57 -20.47 5.06
C GLY B 55 21.43 -18.97 5.29
N TRP B 56 22.49 -18.20 5.12
CA TRP B 56 22.42 -16.77 5.38
C TRP B 56 21.60 -16.09 4.27
N SER B 57 21.12 -14.89 4.55
CA SER B 57 20.43 -14.08 3.57
C SER B 57 20.66 -12.58 3.79
N VAL B 58 20.75 -11.85 2.68
CA VAL B 58 20.93 -10.42 2.66
C VAL B 58 19.91 -9.88 1.66
N ILE B 59 19.02 -9.02 2.13
CA ILE B 59 18.01 -8.42 1.29
C ILE B 59 17.99 -6.92 1.50
N TYR B 60 18.00 -6.18 0.39
CA TYR B 60 18.03 -4.72 0.43
C TYR B 60 17.32 -4.07 -0.76
N THR B 61 16.89 -2.84 -0.57
CA THR B 61 16.22 -2.06 -1.61
C THR B 61 16.94 -0.75 -1.70
N LYS B 62 17.24 -0.30 -2.92
CA LYS B 62 17.89 0.97 -3.19
C LYS B 62 17.25 1.57 -4.42
N ASP B 63 17.29 2.91 -4.53
CA ASP B 63 16.97 3.60 -5.78
C ASP B 63 17.95 3.14 -6.86
N ALA B 64 17.45 2.92 -8.06
CA ALA B 64 18.30 2.42 -9.13
C ALA B 64 19.21 3.53 -9.62
N THR B 65 20.48 3.24 -9.83
CA THR B 65 21.38 4.27 -10.35
CA THR B 65 21.42 4.24 -10.37
C THR B 65 21.34 4.21 -11.89
N PRO B 66 20.97 5.36 -12.52
CA PRO B 66 20.86 5.33 -13.97
C PRO B 66 22.21 5.40 -14.65
N ASN B 67 22.43 4.59 -15.67
CA ASN B 67 23.68 4.66 -16.46
C ASN B 67 23.41 5.24 -17.86
N SER B 68 24.46 5.53 -18.62
CA SER B 68 24.33 5.97 -20.03
C SER B 68 23.86 4.90 -20.99
N ASP B 69 24.28 3.66 -20.75
CA ASP B 69 24.19 2.61 -21.76
C ASP B 69 22.91 1.76 -21.71
N GLY B 70 21.77 2.37 -21.40
CA GLY B 70 20.51 1.60 -21.26
C GLY B 70 20.47 0.58 -20.10
N THR B 71 21.15 0.87 -19.01
CA THR B 71 21.08 0.00 -17.86
C THR B 71 20.95 0.82 -16.63
N LYS B 72 20.48 0.17 -15.58
CA LYS B 72 20.50 0.75 -14.27
C LYS B 72 21.16 -0.22 -13.33
N ASP B 73 21.66 0.26 -12.21
CA ASP B 73 22.26 -0.70 -11.29
C ASP B 73 22.03 -0.30 -9.83
N VAL B 74 22.25 -1.27 -8.94
CA VAL B 74 22.41 -1.01 -7.51
C VAL B 74 23.83 -1.39 -7.21
N GLY B 75 24.58 -0.42 -6.71
CA GLY B 75 26.02 -0.53 -6.54
C GLY B 75 26.35 -1.34 -5.33
N PRO B 76 27.65 -1.47 -5.03
CA PRO B 76 28.17 -2.39 -4.05
C PRO B 76 27.43 -2.42 -2.73
N GLN B 77 27.06 -3.63 -2.32
CA GLN B 77 26.38 -3.84 -1.06
C GLN B 77 27.09 -5.00 -0.38
N GLU B 78 27.16 -4.95 0.95
CA GLU B 78 27.83 -6.00 1.71
CA GLU B 78 27.84 -6.00 1.71
C GLU B 78 26.99 -7.27 1.78
N VAL B 79 27.61 -8.40 1.43
CA VAL B 79 26.99 -9.70 1.42
C VAL B 79 28.03 -10.66 1.99
N TYR B 80 27.85 -11.96 1.81
CA TYR B 80 28.87 -12.94 2.19
C TYR B 80 29.31 -13.73 1.01
N ALA B 81 30.45 -14.42 1.17
CA ALA B 81 31.07 -15.24 0.13
C ALA B 81 30.40 -16.60 0.07
N GLY B 82 30.45 -17.24 -1.08
CA GLY B 82 29.88 -18.56 -1.24
C GLY B 82 28.77 -18.58 -2.26
N GLU B 83 28.26 -19.77 -2.53
CA GLU B 83 27.18 -19.91 -3.46
C GLU B 83 25.91 -19.30 -2.91
N ALA B 84 25.16 -18.63 -3.78
CA ALA B 84 23.94 -17.93 -3.43
C ALA B 84 23.00 -17.90 -4.61
N HIS B 85 21.71 -17.96 -4.32
CA HIS B 85 20.68 -17.70 -5.30
C HIS B 85 20.28 -16.23 -5.17
N VAL B 86 20.09 -15.55 -6.30
CA VAL B 86 19.82 -14.12 -6.31
C VAL B 86 18.60 -13.83 -7.17
N VAL B 87 17.74 -12.91 -6.70
CA VAL B 87 16.56 -12.52 -7.45
C VAL B 87 16.34 -11.00 -7.27
N VAL B 88 15.85 -10.33 -8.31
CA VAL B 88 15.74 -8.87 -8.32
C VAL B 88 14.32 -8.52 -8.63
N VAL B 89 13.76 -7.57 -7.87
CA VAL B 89 12.41 -7.05 -8.06
C VAL B 89 12.52 -5.56 -8.24
N ALA B 90 11.93 -5.02 -9.32
CA ALA B 90 11.95 -3.60 -9.52
C ALA B 90 10.64 -3.02 -9.02
N ASN B 91 10.73 -1.84 -8.38
CA ASN B 91 9.54 -1.03 -8.04
C ASN B 91 8.58 -1.67 -7.04
N ALA B 92 9.10 -2.44 -6.10
CA ALA B 92 8.25 -3.01 -5.07
C ALA B 92 7.59 -1.85 -4.26
N ALA B 93 6.28 -1.93 -4.01
CA ALA B 93 5.64 -0.95 -3.10
C ALA B 93 6.38 -0.95 -1.76
N PRO B 94 6.37 0.20 -1.03
CA PRO B 94 7.08 0.25 0.27
C PRO B 94 6.80 -0.91 1.23
N VAL B 95 5.54 -1.33 1.36
CA VAL B 95 5.25 -2.42 2.33
C VAL B 95 5.73 -3.79 1.82
N ILE B 96 5.68 -3.96 0.50
CA ILE B 96 6.25 -5.12 -0.15
C ILE B 96 7.79 -5.20 0.07
N GLN B 97 8.47 -4.07 -0.06
CA GLN B 97 9.90 -4.07 0.25
C GLN B 97 10.17 -4.70 1.61
N THR B 98 9.35 -4.35 2.60
CA THR B 98 9.58 -4.85 3.95
C THR B 98 9.27 -6.34 4.04
N GLU B 99 8.22 -6.79 3.39
CA GLU B 99 7.92 -8.21 3.42
C GLU B 99 9.05 -9.04 2.75
N LEU B 100 9.53 -8.59 1.59
CA LEU B 100 10.69 -9.22 0.90
C LEU B 100 11.93 -9.30 1.82
N ALA B 101 12.20 -8.21 2.52
CA ALA B 101 13.29 -8.11 3.47
C ALA B 101 13.15 -9.08 4.65
N LYS B 102 11.96 -9.55 4.92
CA LYS B 102 11.78 -10.54 5.98
C LYS B 102 11.85 -11.98 5.49
N ALA B 103 11.97 -12.20 4.19
CA ALA B 103 12.02 -13.57 3.65
C ALA B 103 13.28 -14.24 4.19
N LYS B 104 13.16 -15.51 4.55
CA LYS B 104 14.32 -16.29 5.03
C LYS B 104 14.87 -17.23 4.00
N ASP B 105 14.11 -17.51 2.94
CA ASP B 105 14.62 -18.29 1.81
C ASP B 105 14.07 -17.76 0.49
N ILE B 106 14.61 -18.23 -0.61
CA ILE B 106 14.22 -17.78 -1.91
C ILE B 106 12.71 -18.03 -2.23
N THR B 107 12.15 -19.13 -1.74
CA THR B 107 10.73 -19.48 -2.02
C THR B 107 9.74 -18.46 -1.40
N ASP B 108 9.96 -18.15 -0.13
CA ASP B 108 9.17 -17.16 0.58
C ASP B 108 9.35 -15.77 -0.07
N PHE B 109 10.55 -15.44 -0.54
CA PHE B 109 10.77 -14.20 -1.30
C PHE B 109 9.94 -14.16 -2.58
N ILE B 110 10.10 -15.13 -3.49
CA ILE B 110 9.42 -15.04 -4.80
C ILE B 110 7.91 -15.21 -4.69
N GLU B 111 7.45 -15.93 -3.66
CA GLU B 111 6.02 -16.13 -3.42
C GLU B 111 5.35 -14.97 -2.66
N THR B 112 6.12 -13.97 -2.26
CA THR B 112 5.54 -12.77 -1.62
C THR B 112 4.38 -12.27 -2.53
N THR B 113 3.22 -12.02 -1.94
CA THR B 113 2.05 -11.49 -2.63
C THR B 113 2.12 -9.97 -2.90
N ILE B 114 1.86 -9.57 -4.14
CA ILE B 114 1.79 -8.16 -4.49
C ILE B 114 0.35 -7.82 -4.76
N ASN B 115 0.00 -6.54 -4.58
CA ASN B 115 -1.39 -6.13 -4.67
C ASN B 115 -1.58 -5.20 -5.85
N LEU B 116 -2.57 -5.46 -6.67
CA LEU B 116 -2.74 -4.75 -7.97
C LEU B 116 -2.99 -3.29 -7.79
N SER B 117 -3.68 -2.92 -6.72
CA SER B 117 -3.97 -1.50 -6.49
C SER B 117 -2.70 -0.62 -6.33
N ASP B 118 -1.56 -1.22 -6.00
CA ASP B 118 -0.29 -0.46 -5.99
C ASP B 118 0.24 -0.14 -7.39
N GLU B 119 -0.19 -0.87 -8.40
CA GLU B 119 0.44 -0.81 -9.72
C GLU B 119 0.07 0.43 -10.55
N THR B 120 0.82 1.50 -10.35
CA THR B 120 0.68 2.72 -11.14
C THR B 120 2.03 3.09 -11.79
N LEU B 121 1.99 4.01 -12.75
CA LEU B 121 3.20 4.51 -13.36
C LEU B 121 3.95 5.39 -12.39
N THR B 122 3.25 5.99 -11.43
CA THR B 122 3.97 6.72 -10.40
C THR B 122 4.88 5.79 -9.57
N LYS B 123 4.39 4.64 -9.13
CA LYS B 123 5.26 3.70 -8.44
C LYS B 123 6.29 3.12 -9.44
N GLY B 124 5.88 3.00 -10.70
CA GLY B 124 6.51 2.03 -11.60
C GLY B 124 5.90 0.66 -11.38
N LEU B 125 5.84 -0.11 -12.45
CA LEU B 125 5.12 -1.39 -12.43
C LEU B 125 6.12 -2.38 -11.88
N THR B 126 5.67 -3.20 -10.96
CA THR B 126 6.49 -4.27 -10.39
C THR B 126 7.03 -5.20 -11.49
N MSE B 127 8.33 -5.48 -11.44
CA MSE B 127 8.99 -6.37 -12.38
C MSE B 127 9.97 -7.28 -11.60
O MSE B 127 10.35 -6.98 -10.46
CB MSE B 127 9.78 -5.58 -13.44
CG MSE B 127 9.16 -4.29 -13.88
SE MSE B 127 10.37 -3.20 -14.87
CE MSE B 127 9.16 -1.75 -15.29
N SER B 128 10.28 -8.42 -12.19
CA SER B 128 11.18 -9.40 -11.56
C SER B 128 12.08 -10.09 -12.57
N SER B 129 13.25 -10.47 -12.09
CA SER B 129 14.18 -11.32 -12.81
C SER B 129 13.86 -12.75 -12.46
N LYS B 130 14.56 -13.65 -13.16
CA LYS B 130 14.65 -15.05 -12.78
C LYS B 130 15.55 -15.19 -11.56
N VAL B 131 15.53 -16.38 -10.94
CA VAL B 131 16.39 -16.69 -9.82
C VAL B 131 17.72 -17.04 -10.46
N LEU B 132 18.79 -16.34 -10.07
CA LEU B 132 20.13 -16.60 -10.58
C LEU B 132 20.90 -17.45 -9.61
N ASP B 133 21.90 -18.16 -10.11
CA ASP B 133 22.75 -19.01 -9.26
C ASP B 133 24.20 -18.61 -9.50
N VAL B 134 24.85 -18.03 -8.50
CA VAL B 134 26.21 -17.53 -8.67
C VAL B 134 27.05 -17.98 -7.50
N THR B 135 28.37 -17.83 -7.62
CA THR B 135 29.29 -17.98 -6.47
C THR B 135 30.04 -16.67 -6.21
N LEU B 136 29.76 -16.10 -5.04
CA LEU B 136 30.34 -14.86 -4.66
C LEU B 136 31.71 -15.13 -4.05
N VAL B 137 32.69 -14.34 -4.49
CA VAL B 137 34.07 -14.46 -4.08
C VAL B 137 34.36 -13.59 -2.88
N ALA B 138 35.09 -14.12 -1.90
CA ALA B 138 35.36 -13.43 -0.68
C ALA B 138 36.29 -12.23 -0.92
N ASN B 139 36.09 -11.19 -0.12
CA ASN B 139 36.91 -9.98 -0.11
C ASN B 139 37.07 -9.34 -1.48
N THR B 140 35.98 -9.40 -2.27
CA THR B 140 35.95 -8.89 -3.66
C THR B 140 34.64 -8.21 -3.90
N THR B 141 34.63 -7.27 -4.84
CA THR B 141 33.40 -6.71 -5.35
C THR B 141 32.93 -7.63 -6.46
N ASN B 142 31.84 -8.33 -6.19
CA ASN B 142 31.26 -9.24 -7.15
C ASN B 142 30.25 -8.48 -7.99
N TYR B 143 30.29 -8.71 -9.29
CA TYR B 143 29.38 -8.03 -10.23
C TYR B 143 28.42 -9.03 -10.85
N ILE B 144 27.15 -8.64 -10.98
CA ILE B 144 26.16 -9.43 -11.70
C ILE B 144 25.59 -8.57 -12.81
N GLY B 145 25.81 -9.00 -14.06
CA GLY B 145 25.21 -8.32 -15.21
C GLY B 145 26.02 -7.18 -15.88
N TYR B 146 27.29 -7.04 -15.50
CA TYR B 146 28.13 -5.92 -15.95
C TYR B 146 28.99 -6.31 -17.15
N ASP B 147 28.92 -7.57 -17.54
CA ASP B 147 29.68 -8.03 -18.69
C ASP B 147 29.04 -9.34 -19.17
N ASP B 148 29.29 -9.69 -20.42
CA ASP B 148 28.71 -10.88 -21.02
C ASP B 148 29.69 -12.05 -21.02
N GLU B 149 30.62 -12.06 -20.06
CA GLU B 149 31.48 -13.18 -19.79
C GLU B 149 31.77 -13.09 -18.31
N VAL B 150 31.86 -14.22 -17.62
CA VAL B 150 32.45 -14.24 -16.28
C VAL B 150 33.94 -13.81 -16.35
N GLY B 151 34.46 -13.13 -15.34
CA GLY B 151 35.84 -12.65 -15.42
C GLY B 151 36.17 -11.40 -14.62
N ASP B 152 37.43 -10.97 -14.74
CA ASP B 152 37.90 -9.81 -14.00
C ASP B 152 37.54 -8.56 -14.79
N ILE B 153 36.88 -7.61 -14.12
CA ILE B 153 36.52 -6.34 -14.73
C ILE B 153 36.79 -5.20 -13.77
N THR B 154 36.75 -3.97 -14.29
CA THR B 154 36.64 -2.79 -13.42
C THR B 154 35.43 -1.96 -13.83
N VAL B 155 34.74 -1.42 -12.85
CA VAL B 155 33.53 -0.68 -13.12
C VAL B 155 33.53 0.48 -12.19
N LYS B 156 33.39 1.69 -12.72
CA LYS B 156 33.28 2.88 -11.88
C LYS B 156 34.40 2.96 -10.84
N ASP B 157 35.62 2.69 -11.27
CA ASP B 157 36.81 2.75 -10.42
C ASP B 157 37.04 1.58 -9.51
N ILE B 158 36.21 0.54 -9.61
CA ILE B 158 36.33 -0.58 -8.68
C ILE B 158 36.61 -1.88 -9.44
N SER B 159 37.82 -2.39 -9.24
CA SER B 159 38.22 -3.70 -9.74
C SER B 159 37.44 -4.77 -8.99
N GLY B 160 37.02 -5.79 -9.73
CA GLY B 160 36.23 -6.90 -9.20
C GLY B 160 36.02 -8.01 -10.22
N LYS B 161 35.09 -8.89 -9.92
CA LYS B 161 34.80 -10.06 -10.77
C LYS B 161 33.35 -10.14 -11.15
N GLU B 162 33.08 -10.24 -12.45
CA GLU B 162 31.77 -10.58 -12.94
C GLU B 162 31.62 -12.07 -12.71
N VAL B 163 30.55 -12.44 -11.98
CA VAL B 163 30.26 -13.82 -11.57
C VAL B 163 28.97 -14.39 -12.16
N TYR B 164 28.26 -13.59 -12.95
CA TYR B 164 27.09 -14.04 -13.75
C TYR B 164 27.44 -14.18 -15.20
N GLY B 165 27.77 -13.08 -15.87
CA GLY B 165 28.38 -13.12 -17.20
C GLY B 165 27.49 -13.25 -18.42
N ALA B 166 26.20 -12.93 -18.31
CA ALA B 166 25.33 -13.07 -19.46
C ALA B 166 24.70 -11.75 -19.79
N GLY B 167 25.44 -10.66 -19.57
CA GLY B 167 24.92 -9.31 -19.81
C GLY B 167 23.96 -8.85 -18.71
N PRO B 168 23.46 -7.61 -18.81
CA PRO B 168 22.61 -7.02 -17.78
C PRO B 168 21.41 -7.91 -17.48
N VAL B 169 20.97 -7.95 -16.21
CA VAL B 169 19.92 -8.89 -15.81
C VAL B 169 18.59 -8.41 -16.35
N PRO B 170 17.87 -9.29 -17.06
CA PRO B 170 16.60 -8.83 -17.61
C PRO B 170 15.48 -8.90 -16.58
N LEU B 171 14.58 -7.93 -16.68
CA LEU B 171 13.42 -7.86 -15.81
C LEU B 171 12.20 -8.09 -16.67
N VAL B 172 11.19 -8.75 -16.09
CA VAL B 172 9.92 -9.01 -16.74
C VAL B 172 8.79 -8.45 -15.86
N ARG B 173 7.89 -7.67 -16.46
CA ARG B 173 6.83 -7.06 -15.70
C ARG B 173 5.94 -8.13 -15.09
N ASP B 174 5.37 -7.81 -13.94
CA ASP B 174 4.49 -8.74 -13.25
C ASP B 174 3.01 -8.46 -13.64
N VAL B 175 2.78 -7.47 -14.47
CA VAL B 175 1.44 -7.12 -14.95
C VAL B 175 1.30 -7.35 -16.48
N ALA B 176 0.04 -7.48 -16.92
CA ALA B 176 -0.34 -7.45 -18.36
C ALA B 176 -1.08 -6.15 -18.56
N SER B 177 -1.13 -5.75 -19.82
CA SER B 177 -1.91 -4.61 -20.25
C SER B 177 -3.09 -5.04 -21.12
N ILE B 178 -4.29 -4.53 -20.86
CA ILE B 178 -5.45 -4.86 -21.68
C ILE B 178 -6.02 -3.56 -22.17
N ALA B 179 -6.26 -3.47 -23.49
CA ALA B 179 -6.88 -2.28 -24.04
C ALA B 179 -7.89 -2.65 -25.15
N LEU B 180 -8.92 -1.81 -25.28
CA LEU B 180 -9.83 -1.83 -26.43
C LEU B 180 -9.19 -1.00 -27.56
N ALA B 181 -8.67 -1.70 -28.54
CA ALA B 181 -8.06 -1.07 -29.71
C ALA B 181 -9.12 -0.60 -30.70
N GLY B 182 -10.27 -1.25 -30.74
CA GLY B 182 -11.34 -0.85 -31.65
C GLY B 182 -12.72 -1.41 -31.26
N ALA B 183 -13.75 -0.65 -31.62
CA ALA B 183 -15.16 -1.03 -31.44
C ALA B 183 -16.03 -0.51 -32.60
N ASP B 184 -15.97 -1.17 -33.74
CA ASP B 184 -16.75 -0.75 -34.90
C ASP B 184 -18.05 -1.59 -35.08
N ILE B 185 -18.81 -1.28 -36.11
CA ILE B 185 -20.01 -2.01 -36.49
C ILE B 185 -19.79 -2.75 -37.79
N GLY B 186 -20.53 -3.85 -37.93
CA GLY B 186 -20.56 -4.67 -39.14
C GLY B 186 -21.94 -5.31 -39.31
N ASN B 187 -22.21 -5.84 -40.50
CA ASN B 187 -23.43 -6.60 -40.75
C ASN B 187 -23.11 -8.06 -40.96
N PRO B 188 -23.83 -8.96 -40.24
CA PRO B 188 -23.73 -10.37 -40.56
C PRO B 188 -24.23 -10.60 -41.96
N GLU B 189 -23.53 -11.48 -42.66
CA GLU B 189 -23.85 -11.92 -44.01
C GLU B 189 -25.36 -12.17 -44.26
N ASN B 190 -26.00 -12.90 -43.37
CA ASN B 190 -27.37 -13.29 -43.63
C ASN B 190 -28.40 -12.41 -42.92
N ALA B 191 -28.00 -11.25 -42.41
CA ALA B 191 -28.92 -10.41 -41.65
C ALA B 191 -30.08 -9.81 -42.47
N ASN B 192 -31.24 -9.71 -41.84
CA ASN B 192 -32.39 -8.95 -42.39
C ASN B 192 -32.42 -7.56 -41.75
N TYR B 193 -31.22 -7.05 -41.42
CA TYR B 193 -31.06 -5.70 -40.90
C TYR B 193 -29.68 -5.17 -41.20
N GLU B 194 -29.52 -3.88 -40.92
CA GLU B 194 -28.29 -3.19 -41.14
C GLU B 194 -27.87 -2.47 -39.86
N SER B 195 -26.60 -2.59 -39.50
CA SER B 195 -26.04 -1.84 -38.38
C SER B 195 -25.87 -0.39 -38.80
N LYS B 196 -26.28 0.55 -37.96
CA LYS B 196 -26.13 1.98 -38.32
C LYS B 196 -25.12 2.72 -37.48
N SER B 197 -25.07 2.44 -36.19
CA SER B 197 -24.06 3.04 -35.34
C SER B 197 -23.87 2.31 -34.03
N PHE B 198 -22.69 2.52 -33.47
CA PHE B 198 -22.44 2.17 -32.10
C PHE B 198 -21.73 3.30 -31.43
N VAL B 199 -22.34 3.81 -30.36
CA VAL B 199 -21.75 4.88 -29.58
C VAL B 199 -21.27 4.28 -28.24
N LEU B 200 -19.94 4.18 -28.10
CA LEU B 200 -19.25 3.66 -26.92
C LEU B 200 -19.34 4.63 -25.76
N LYS B 201 -19.84 4.15 -24.63
CA LYS B 201 -19.99 4.95 -23.42
C LYS B 201 -19.02 4.53 -22.29
N GLU B 202 -18.67 3.24 -22.20
CA GLU B 202 -17.93 2.71 -21.05
C GLU B 202 -17.16 1.44 -21.42
N VAL B 203 -15.98 1.28 -20.86
CA VAL B 203 -15.15 0.10 -20.99
C VAL B 203 -14.69 -0.32 -19.59
N PHE B 204 -14.88 -1.57 -19.17
CA PHE B 204 -14.35 -1.98 -17.88
C PHE B 204 -13.90 -3.40 -17.83
N ILE B 205 -13.18 -3.73 -16.76
CA ILE B 205 -12.63 -5.04 -16.58
C ILE B 205 -13.34 -5.70 -15.41
N ALA B 206 -13.65 -7.01 -15.56
CA ALA B 206 -14.15 -7.82 -14.45
C ALA B 206 -13.24 -9.02 -14.27
N SER B 207 -13.29 -9.63 -13.08
CA SER B 207 -12.50 -10.81 -12.76
C SER B 207 -10.98 -10.65 -13.09
N ALA B 208 -10.43 -9.48 -12.75
CA ALA B 208 -8.97 -9.22 -12.71
C ALA B 208 -8.42 -9.77 -11.42
N LYS B 209 -7.46 -10.68 -11.49
CA LYS B 209 -6.83 -11.14 -10.26
C LYS B 209 -6.05 -9.96 -9.68
N GLY B 210 -6.33 -9.65 -8.41
CA GLY B 210 -5.71 -8.52 -7.71
C GLY B 210 -4.47 -8.85 -6.91
N VAL B 211 -4.10 -10.12 -6.92
CA VAL B 211 -2.94 -10.64 -6.21
C VAL B 211 -2.12 -11.46 -7.16
N SER B 212 -0.83 -11.52 -6.89
CA SER B 212 0.15 -12.23 -7.70
C SER B 212 1.36 -12.55 -6.82
N SER B 213 2.12 -13.60 -7.18
CA SER B 213 3.48 -13.75 -6.68
C SER B 213 4.36 -12.63 -7.26
N VAL B 214 5.40 -12.25 -6.53
CA VAL B 214 6.32 -11.19 -7.01
C VAL B 214 7.31 -11.66 -8.14
N ALA B 215 7.67 -12.94 -8.14
CA ALA B 215 8.74 -13.46 -9.01
C ALA B 215 8.55 -14.95 -9.30
N SER B 216 9.11 -15.42 -10.40
CA SER B 216 9.15 -16.84 -10.72
C SER B 216 10.60 -17.29 -10.77
N THR B 217 10.84 -18.57 -10.54
CA THR B 217 12.16 -19.15 -10.66
C THR B 217 12.73 -18.97 -12.05
N GLU B 218 11.94 -19.28 -13.07
CA GLU B 218 12.39 -19.15 -14.45
C GLU B 218 12.08 -17.78 -14.98
N GLU B 219 12.83 -17.33 -15.98
CA GLU B 219 12.55 -16.02 -16.56
C GLU B 219 11.19 -16.02 -17.25
N TRP B 220 10.38 -15.00 -17.01
CA TRP B 220 9.04 -14.90 -17.60
C TRP B 220 8.18 -16.11 -17.22
N GLY B 221 8.46 -16.71 -16.07
CA GLY B 221 7.67 -17.81 -15.57
C GLY B 221 6.39 -17.36 -14.92
N THR B 222 5.56 -18.35 -14.61
CA THR B 222 4.23 -18.12 -14.07
C THR B 222 4.31 -17.56 -12.64
N ILE B 223 3.55 -16.51 -12.41
CA ILE B 223 3.43 -15.87 -11.11
C ILE B 223 1.97 -15.78 -10.59
N GLU B 224 1.04 -16.34 -11.33
CA GLU B 224 -0.34 -16.36 -10.94
C GLU B 224 -0.59 -16.99 -9.58
N LYS B 225 -1.50 -16.41 -8.82
CA LYS B 225 -1.94 -17.08 -7.59
C LYS B 225 -3.14 -17.96 -7.89
N ASP B 226 -3.08 -19.21 -7.43
CA ASP B 226 -4.27 -20.01 -7.35
C ASP B 226 -5.28 -19.37 -6.36
N PHE B 227 -6.56 -19.52 -6.70
CA PHE B 227 -7.65 -18.99 -5.92
C PHE B 227 -8.46 -20.18 -5.35
N PHE B 228 -9.20 -19.93 -4.29
CA PHE B 228 -10.01 -20.94 -3.63
C PHE B 228 -9.15 -22.14 -3.24
N GLY B 229 -9.66 -23.36 -3.36
CA GLY B 229 -8.94 -24.55 -2.88
C GLY B 229 -8.44 -24.38 -1.46
N ASP B 230 -7.15 -24.61 -1.27
CA ASP B 230 -6.54 -24.49 0.03
C ASP B 230 -5.95 -23.10 0.25
N THR B 231 -6.09 -22.22 -0.73
CA THR B 231 -5.50 -20.88 -0.64
C THR B 231 -6.46 -20.04 0.19
N HIS B 232 -6.07 -18.84 0.56
CA HIS B 232 -6.98 -17.90 1.22
C HIS B 232 -7.36 -16.73 0.28
N PHE B 233 -7.36 -17.00 -1.03
CA PHE B 233 -7.79 -16.01 -1.99
C PHE B 233 -9.17 -16.41 -2.49
N GLY B 234 -10.05 -15.43 -2.58
CA GLY B 234 -11.41 -15.62 -2.97
C GLY B 234 -11.93 -14.48 -3.79
N TYR B 235 -13.26 -14.34 -3.81
CA TYR B 235 -13.92 -13.38 -4.69
C TYR B 235 -13.49 -11.95 -4.45
N LEU B 236 -13.24 -11.60 -3.19
CA LEU B 236 -12.78 -10.23 -2.89
C LEU B 236 -11.39 -9.90 -3.49
N ASP B 237 -10.61 -10.94 -3.78
CA ASP B 237 -9.32 -10.80 -4.46
C ASP B 237 -9.44 -10.65 -5.96
N TYR B 238 -10.62 -10.93 -6.51
CA TYR B 238 -10.90 -10.53 -7.88
C TYR B 238 -11.31 -9.05 -7.81
N LYS B 239 -10.86 -8.26 -8.78
CA LYS B 239 -11.18 -6.84 -8.86
C LYS B 239 -11.98 -6.58 -10.11
N VAL B 240 -12.87 -5.60 -10.05
CA VAL B 240 -13.78 -5.29 -11.09
C VAL B 240 -13.90 -3.76 -11.12
N GLY B 241 -14.13 -3.20 -12.30
CA GLY B 241 -14.19 -1.74 -12.43
C GLY B 241 -15.44 -1.04 -11.91
N LEU B 242 -16.56 -1.77 -11.94
CA LEU B 242 -17.87 -1.28 -11.62
C LEU B 242 -18.64 -2.28 -10.75
N LEU B 243 -19.58 -1.76 -9.96
CA LEU B 243 -20.46 -2.58 -9.14
C LEU B 243 -21.87 -2.38 -9.61
N PHE B 244 -22.67 -3.42 -9.53
CA PHE B 244 -24.04 -3.33 -10.00
C PHE B 244 -25.03 -3.65 -8.88
N LEU B 245 -26.29 -3.32 -9.11
CA LEU B 245 -27.35 -3.51 -8.09
C LEU B 245 -27.61 -5.00 -7.88
N THR B 246 -27.70 -5.39 -6.61
CA THR B 246 -27.86 -6.78 -6.22
C THR B 246 -29.32 -7.10 -5.81
N SER B 247 -30.20 -6.11 -5.97
CA SER B 247 -31.65 -6.20 -5.68
C SER B 247 -32.44 -5.19 -6.54
N PRO B 248 -33.71 -5.52 -6.85
CA PRO B 248 -34.35 -6.80 -6.56
C PRO B 248 -33.76 -7.96 -7.41
N ASN B 249 -33.47 -7.69 -8.70
CA ASN B 249 -32.64 -8.60 -9.50
C ASN B 249 -31.16 -8.34 -9.20
N ASN B 250 -30.42 -9.39 -8.84
CA ASN B 250 -28.99 -9.28 -8.62
C ASN B 250 -28.22 -9.30 -9.93
N ILE B 251 -27.90 -8.13 -10.45
CA ILE B 251 -27.18 -8.08 -11.70
C ILE B 251 -25.64 -7.90 -11.53
N ASP B 252 -25.18 -7.88 -10.27
CA ASP B 252 -23.73 -7.87 -9.99
C ASP B 252 -23.05 -9.25 -10.19
N GLU B 253 -23.83 -10.25 -10.57
CA GLU B 253 -23.34 -11.61 -10.77
CA GLU B 253 -23.35 -11.62 -10.73
C GLU B 253 -24.14 -12.20 -11.91
N GLY B 254 -23.56 -13.13 -12.64
CA GLY B 254 -24.28 -13.81 -13.70
C GLY B 254 -23.49 -15.00 -14.13
N SER B 255 -23.86 -15.56 -15.28
CA SER B 255 -23.17 -16.73 -15.84
C SER B 255 -21.73 -16.38 -16.24
N TYR B 256 -21.49 -15.09 -16.49
CA TYR B 256 -20.19 -14.62 -17.02
C TYR B 256 -19.21 -14.23 -15.89
N LYS B 257 -19.74 -13.98 -14.69
CA LYS B 257 -18.97 -13.37 -13.58
C LYS B 257 -19.62 -13.72 -12.24
N LYS B 258 -18.86 -14.42 -11.39
CA LYS B 258 -19.32 -14.83 -10.09
C LYS B 258 -18.67 -14.09 -8.92
N GLY B 259 -19.43 -13.93 -7.84
CA GLY B 259 -18.89 -13.37 -6.61
C GLY B 259 -18.96 -11.87 -6.47
N LEU B 260 -18.97 -11.41 -5.22
CA LEU B 260 -18.82 -10.00 -4.92
C LEU B 260 -17.34 -9.73 -5.00
N GLN B 261 -16.94 -9.05 -6.08
CA GLN B 261 -15.54 -8.69 -6.30
C GLN B 261 -15.33 -7.26 -5.78
N THR B 262 -14.08 -6.90 -5.56
CA THR B 262 -13.75 -5.59 -5.05
C THR B 262 -13.69 -4.57 -6.19
N LYS B 263 -14.44 -3.49 -6.04
CA LYS B 263 -14.42 -2.40 -7.01
C LYS B 263 -13.04 -1.75 -7.01
N TYR B 264 -12.45 -1.55 -8.19
CA TYR B 264 -11.23 -0.81 -8.35
C TYR B 264 -11.43 0.19 -9.48
N ASP B 265 -11.46 1.47 -9.13
CA ASP B 265 -11.86 2.53 -10.07
C ASP B 265 -10.99 2.60 -11.33
N ALA B 266 -9.71 2.26 -11.20
CA ALA B 266 -8.82 2.18 -12.33
C ALA B 266 -9.23 1.14 -13.38
N LEU B 267 -10.13 0.22 -13.05
CA LEU B 267 -10.57 -0.80 -14.01
C LEU B 267 -11.85 -0.45 -14.72
N ALA B 268 -12.27 0.80 -14.61
CA ALA B 268 -13.35 1.29 -15.47
C ALA B 268 -12.93 2.59 -16.10
N LYS B 269 -13.43 2.86 -17.30
CA LYS B 269 -13.14 4.11 -17.99
C LYS B 269 -14.36 4.55 -18.77
N LYS B 270 -14.80 5.79 -18.54
CA LYS B 270 -15.85 6.41 -19.37
C LYS B 270 -15.26 6.85 -20.72
N HIS B 271 -16.02 6.73 -21.80
CA HIS B 271 -15.56 7.19 -23.13
C HIS B 271 -16.11 8.59 -23.36
N VAL B 272 -15.24 9.58 -23.23
CA VAL B 272 -15.59 10.95 -23.59
C VAL B 272 -14.64 11.48 -24.69
N GLU B 273 -15.23 12.28 -25.57
CA GLU B 273 -14.56 12.94 -26.70
C GLU B 273 -13.08 13.23 -26.43
N ASN B 274 -12.84 14.10 -25.46
CA ASN B 274 -11.48 14.54 -25.09
C ASN B 274 -10.64 13.56 -24.23
N ASP B 275 -11.13 12.34 -23.99
CA ASP B 275 -10.47 11.39 -23.10
C ASP B 275 -11.08 9.99 -23.30
N PRO B 276 -10.67 9.31 -24.39
CA PRO B 276 -11.37 8.10 -24.81
C PRO B 276 -10.99 6.87 -24.00
N ALA B 277 -11.88 5.88 -24.03
CA ALA B 277 -11.66 4.56 -23.46
C ALA B 277 -10.88 3.77 -24.48
N LEU B 278 -11.03 4.13 -25.76
CA LEU B 278 -10.20 3.55 -26.82
C LEU B 278 -8.72 3.72 -26.56
N ASN B 279 -8.02 2.60 -26.62
CA ASN B 279 -6.59 2.47 -26.29
C ASN B 279 -6.16 2.78 -24.89
N HIS B 280 -7.12 3.07 -24.01
CA HIS B 280 -6.78 3.17 -22.61
C HIS B 280 -6.32 1.80 -22.09
N GLU B 281 -5.12 1.76 -21.51
CA GLU B 281 -4.53 0.51 -20.98
C GLU B 281 -4.91 0.23 -19.54
N PHE B 282 -5.41 -0.97 -19.30
CA PHE B 282 -5.76 -1.40 -17.96
C PHE B 282 -4.67 -2.39 -17.55
N TYR B 283 -4.10 -2.23 -16.36
CA TYR B 283 -3.11 -3.16 -15.84
C TYR B 283 -3.76 -4.21 -14.90
N VAL B 284 -3.44 -5.48 -15.11
CA VAL B 284 -3.97 -6.62 -14.36
C VAL B 284 -2.83 -7.60 -14.10
N TYR B 285 -3.04 -8.48 -13.12
CA TYR B 285 -2.14 -9.63 -12.92
C TYR B 285 -2.56 -10.85 -13.72
N GLU B 286 -1.74 -11.88 -13.69
CA GLU B 286 -2.02 -13.12 -14.39
C GLU B 286 -3.30 -13.79 -13.90
N ASN B 287 -4.09 -14.21 -14.89
CA ASN B 287 -5.27 -15.05 -14.71
C ASN B 287 -5.43 -15.97 -15.91
N THR B 288 -5.02 -17.21 -15.73
CA THR B 288 -5.29 -18.25 -16.71
C THR B 288 -6.29 -19.28 -16.18
N LYS B 289 -6.44 -19.40 -14.86
CA LYS B 289 -7.32 -20.42 -14.27
C LYS B 289 -8.79 -20.02 -14.04
N GLY B 290 -9.06 -18.75 -13.78
CA GLY B 290 -10.47 -18.30 -13.65
C GLY B 290 -11.30 -19.04 -12.62
N GLU B 291 -10.69 -19.38 -11.48
CA GLU B 291 -11.37 -20.23 -10.51
C GLU B 291 -12.56 -19.51 -9.96
N VAL B 292 -13.61 -20.30 -9.76
CA VAL B 292 -14.78 -19.89 -9.02
C VAL B 292 -14.91 -20.87 -7.84
N LYS B 293 -15.79 -20.55 -6.91
CA LYS B 293 -15.95 -21.36 -5.71
C LYS B 293 -16.71 -22.69 -6.07
N SER B 294 -16.41 -23.77 -5.38
CA SER B 294 -17.08 -25.02 -5.72
C SER B 294 -18.54 -24.90 -5.32
N GLY B 295 -19.40 -25.55 -6.07
CA GLY B 295 -20.85 -25.47 -5.80
C GLY B 295 -21.51 -24.22 -6.31
N GLU B 296 -20.80 -23.47 -7.13
CA GLU B 296 -21.36 -22.30 -7.76
C GLU B 296 -22.26 -22.85 -8.86
N SER B 297 -23.46 -22.30 -9.01
CA SER B 297 -24.38 -22.74 -10.05
C SER B 297 -24.34 -21.82 -11.27
N ASN B 298 -24.78 -22.33 -12.43
CA ASN B 298 -25.03 -21.48 -13.59
C ASN B 298 -23.74 -20.77 -14.05
N VAL B 299 -22.65 -21.54 -14.14
CA VAL B 299 -21.33 -21.02 -14.50
C VAL B 299 -21.07 -21.29 -15.96
N ASN B 300 -20.93 -20.24 -16.79
CA ASN B 300 -20.37 -20.43 -18.11
C ASN B 300 -18.84 -20.39 -17.94
N GLU B 301 -18.20 -21.54 -18.01
CA GLU B 301 -16.77 -21.60 -17.72
C GLU B 301 -15.83 -20.99 -18.77
N ALA B 302 -16.37 -20.55 -19.91
CA ALA B 302 -15.56 -19.79 -20.88
C ALA B 302 -15.38 -18.36 -20.36
N TYR B 303 -16.28 -17.92 -19.47
CA TYR B 303 -16.28 -16.55 -18.99
C TYR B 303 -15.94 -16.40 -17.48
N ALA B 304 -16.68 -17.07 -16.59
CA ALA B 304 -16.49 -16.90 -15.15
C ALA B 304 -15.40 -17.84 -14.65
N ASN B 305 -14.38 -17.40 -13.93
CA ASN B 305 -14.05 -15.99 -13.62
C ASN B 305 -12.75 -15.68 -14.31
N HIS B 306 -12.74 -15.90 -15.62
CA HIS B 306 -11.69 -15.37 -16.48
C HIS B 306 -11.86 -13.87 -16.56
N THR B 307 -10.74 -13.17 -16.64
CA THR B 307 -10.70 -11.75 -16.87
C THR B 307 -11.45 -11.34 -18.14
N LEU B 308 -12.43 -10.47 -17.94
CA LEU B 308 -13.32 -9.98 -18.98
C LEU B 308 -13.06 -8.50 -19.24
N LEU B 309 -13.12 -8.16 -20.53
CA LEU B 309 -13.24 -6.78 -20.94
C LEU B 309 -14.64 -6.65 -21.45
N ILE B 310 -15.34 -5.66 -20.89
CA ILE B 310 -16.74 -5.44 -21.19
C ILE B 310 -16.96 -3.99 -21.65
N VAL B 311 -17.69 -3.82 -22.75
CA VAL B 311 -18.02 -2.50 -23.24
C VAL B 311 -19.51 -2.25 -23.12
N LYS B 312 -19.85 -0.98 -22.92
CA LYS B 312 -21.24 -0.52 -22.91
C LYS B 312 -21.43 0.60 -23.91
N GLY B 313 -22.48 0.51 -24.71
CA GLY B 313 -22.86 1.59 -25.61
C GLY B 313 -24.27 1.49 -26.15
N ASP B 314 -24.59 2.44 -27.04
CA ASP B 314 -25.88 2.53 -27.72
C ASP B 314 -25.68 2.06 -29.15
N TYR B 315 -26.42 1.00 -29.53
CA TYR B 315 -26.35 0.38 -30.85
C TYR B 315 -27.65 0.66 -31.61
N THR B 316 -27.54 1.14 -32.84
CA THR B 316 -28.72 1.42 -33.72
C THR B 316 -28.64 0.56 -34.96
N TYR B 317 -29.78 -0.01 -35.37
CA TYR B 317 -29.88 -0.80 -36.57
C TYR B 317 -31.20 -0.51 -37.30
N LEU B 318 -31.22 -0.81 -38.59
CA LEU B 318 -32.37 -0.57 -39.46
C LEU B 318 -32.78 -1.92 -40.04
N PRO B 319 -33.93 -2.44 -39.61
CA PRO B 319 -34.43 -3.68 -40.20
C PRO B 319 -34.70 -3.50 -41.70
N GLN B 320 -34.50 -4.58 -42.47
CA GLN B 320 -34.83 -4.61 -43.88
C GLN B 320 -36.28 -4.16 -44.03
N GLY B 321 -36.47 -3.03 -44.71
CA GLY B 321 -37.80 -2.50 -44.98
C GLY B 321 -38.36 -1.48 -44.00
N ALA B 322 -37.75 -1.32 -42.84
CA ALA B 322 -38.31 -0.49 -41.79
C ALA B 322 -38.18 0.98 -42.19
N LYS B 323 -39.11 1.80 -41.76
CA LYS B 323 -39.07 3.23 -42.06
C LYS B 323 -38.10 3.95 -41.10
N GLU B 324 -37.92 3.40 -39.91
CA GLU B 324 -37.15 4.01 -38.82
C GLU B 324 -36.12 3.04 -38.27
N SER B 325 -35.01 3.54 -37.78
CA SER B 325 -34.03 2.70 -37.10
C SER B 325 -34.40 2.51 -35.64
N ILE B 326 -33.79 1.51 -35.02
CA ILE B 326 -34.06 1.11 -33.66
C ILE B 326 -32.74 1.26 -32.92
N THR B 327 -32.78 2.03 -31.84
CA THR B 327 -31.63 2.18 -30.97
C THR B 327 -31.87 1.42 -29.69
N LYS B 328 -30.97 0.51 -29.33
CA LYS B 328 -31.04 -0.14 -28.01
CA LYS B 328 -31.04 -0.15 -28.03
C LYS B 328 -29.98 0.53 -27.13
N GLU B 329 -30.43 1.20 -26.05
CA GLU B 329 -29.49 1.96 -25.22
C GLU B 329 -28.82 1.08 -24.20
N ASN B 330 -27.62 1.48 -23.81
CA ASN B 330 -26.91 0.88 -22.71
C ASN B 330 -26.82 -0.66 -22.83
N CYS B 331 -26.51 -1.11 -24.06
CA CYS B 331 -26.17 -2.52 -24.40
C CYS B 331 -24.78 -2.87 -23.91
N TYR B 332 -24.63 -4.08 -23.38
CA TYR B 332 -23.33 -4.63 -22.97
C TYR B 332 -22.83 -5.73 -23.91
N TYR B 333 -21.51 -5.71 -24.14
CA TYR B 333 -20.78 -6.78 -24.81
C TYR B 333 -19.53 -7.20 -24.02
N ALA B 334 -19.48 -8.46 -23.58
CA ALA B 334 -18.39 -9.00 -22.76
C ALA B 334 -17.52 -9.97 -23.55
N ILE B 335 -16.21 -9.87 -23.35
CA ILE B 335 -15.21 -10.68 -24.01
C ILE B 335 -14.27 -11.34 -23.00
N PRO B 336 -14.10 -12.67 -23.10
CA PRO B 336 -13.06 -13.28 -22.27
C PRO B 336 -11.70 -13.01 -22.89
N VAL B 337 -10.84 -12.27 -22.18
CA VAL B 337 -9.56 -11.82 -22.74
C VAL B 337 -8.55 -12.96 -22.92
N GLY B 338 -8.12 -13.18 -24.16
CA GLY B 338 -7.17 -14.24 -24.45
C GLY B 338 -7.77 -15.63 -24.66
N GLU B 339 -9.10 -15.72 -24.74
CA GLU B 339 -9.74 -17.00 -25.07
C GLU B 339 -9.19 -17.51 -26.40
N GLU B 340 -8.99 -16.58 -27.33
CA GLU B 340 -8.36 -16.88 -28.61
C GLU B 340 -7.48 -15.69 -28.96
N VAL B 341 -6.21 -15.99 -29.19
CA VAL B 341 -5.25 -14.93 -29.49
CA VAL B 341 -5.22 -14.96 -29.45
C VAL B 341 -4.45 -15.24 -30.74
N THR B 342 -3.88 -14.16 -31.29
CA THR B 342 -2.80 -14.22 -32.26
C THR B 342 -1.65 -13.43 -31.64
N ILE B 343 -0.53 -14.12 -31.37
CA ILE B 343 0.66 -13.46 -30.78
C ILE B 343 1.55 -12.99 -31.92
N ASP B 344 2.02 -11.74 -31.85
CA ASP B 344 3.00 -11.16 -32.85
C ASP B 344 2.50 -10.99 -34.29
N GLY B 345 1.20 -11.18 -34.52
CA GLY B 345 0.63 -11.24 -35.88
C GLY B 345 0.99 -12.51 -36.65
N THR B 346 1.48 -13.53 -35.92
CA THR B 346 1.95 -14.75 -36.57
C THR B 346 1.61 -16.12 -35.91
N GLU B 347 1.23 -16.17 -34.62
CA GLU B 347 0.76 -17.46 -34.08
C GLU B 347 -0.54 -17.43 -33.24
N LYS B 348 -1.44 -18.35 -33.57
CA LYS B 348 -2.77 -18.42 -32.99
C LYS B 348 -2.78 -19.42 -31.82
N ARG B 349 -3.15 -18.95 -30.65
CA ARG B 349 -3.30 -19.84 -29.50
C ARG B 349 -4.72 -19.78 -28.86
N SER B 350 -5.20 -20.93 -28.37
CA SER B 350 -6.47 -21.03 -27.67
CA SER B 350 -6.47 -20.95 -27.66
C SER B 350 -6.18 -21.09 -26.17
N LYS B 351 -7.10 -20.55 -25.35
CA LYS B 351 -6.95 -20.59 -23.93
C LYS B 351 -5.58 -20.06 -23.45
N PHE B 352 -5.08 -19.02 -24.10
CA PHE B 352 -3.88 -18.34 -23.62
C PHE B 352 -4.21 -17.52 -22.36
N TYR B 353 -5.38 -16.90 -22.36
CA TYR B 353 -5.82 -16.02 -21.29
C TYR B 353 -4.78 -14.95 -20.91
N VAL B 354 -4.68 -14.55 -19.63
CA VAL B 354 -3.95 -13.35 -19.28
C VAL B 354 -2.64 -13.71 -18.61
N GLN B 355 -1.52 -13.37 -19.26
CA GLN B 355 -0.16 -13.72 -18.80
C GLN B 355 0.70 -12.47 -18.73
N ARG B 356 1.72 -12.50 -17.87
CA ARG B 356 2.51 -11.33 -17.54
C ARG B 356 3.28 -10.77 -18.73
N ASN B 357 3.43 -9.46 -18.77
CA ASN B 357 4.30 -8.75 -19.73
C ASN B 357 3.86 -8.89 -21.19
N TYR B 358 2.56 -9.03 -21.42
CA TYR B 358 2.00 -8.95 -22.78
C TYR B 358 1.01 -7.79 -22.80
N LYS B 359 0.85 -7.20 -23.98
CA LYS B 359 -0.20 -6.22 -24.23
C LYS B 359 -1.26 -6.95 -25.05
N TYR B 360 -2.51 -6.88 -24.61
CA TYR B 360 -3.65 -7.43 -25.30
C TYR B 360 -4.35 -6.25 -25.97
N GLU B 361 -4.51 -6.32 -27.29
CA GLU B 361 -5.23 -5.29 -28.04
CA GLU B 361 -5.20 -5.30 -28.05
C GLU B 361 -6.47 -5.92 -28.66
N ILE B 362 -7.62 -5.53 -28.11
CA ILE B 362 -8.89 -6.15 -28.43
C ILE B 362 -9.65 -5.31 -29.43
N SER B 363 -9.99 -5.96 -30.54
CA SER B 363 -10.76 -5.31 -31.58
C SER B 363 -12.13 -5.97 -31.62
N LEU B 364 -13.17 -5.15 -31.44
CA LEU B 364 -14.55 -5.61 -31.45
C LEU B 364 -15.30 -5.07 -32.65
N THR B 365 -16.13 -5.95 -33.23
CA THR B 365 -17.07 -5.59 -34.31
C THR B 365 -18.50 -5.94 -33.80
N ILE B 366 -19.27 -4.89 -33.52
CA ILE B 366 -20.62 -5.02 -33.01
C ILE B 366 -21.55 -5.31 -34.18
N ILE B 367 -22.21 -6.47 -34.14
CA ILE B 367 -23.05 -6.90 -35.28
C ILE B 367 -24.53 -7.07 -34.93
N GLY B 368 -24.93 -6.53 -33.79
CA GLY B 368 -26.31 -6.65 -33.34
C GLY B 368 -26.38 -6.03 -31.95
N PRO B 369 -27.59 -5.93 -31.39
CA PRO B 369 -27.76 -5.35 -30.04
C PRO B 369 -27.18 -6.25 -28.97
N GLY B 370 -26.70 -5.68 -27.88
CA GLY B 370 -26.07 -6.45 -26.81
C GLY B 370 -27.06 -6.78 -25.72
N SER B 371 -26.52 -7.17 -24.56
CA SER B 371 -27.33 -7.48 -23.40
C SER B 371 -27.67 -6.24 -22.59
N GLU B 372 -28.85 -6.26 -21.99
CA GLU B 372 -29.25 -5.21 -21.04
C GLU B 372 -28.43 -5.24 -19.76
N ILE B 373 -27.83 -6.38 -19.47
CA ILE B 373 -27.04 -6.56 -18.26
C ILE B 373 -25.64 -7.10 -18.58
N PRO B 374 -24.65 -6.75 -17.75
CA PRO B 374 -23.23 -7.03 -18.13
C PRO B 374 -22.77 -8.49 -18.04
N TYR B 375 -23.33 -9.26 -17.12
CA TYR B 375 -22.80 -10.58 -16.79
C TYR B 375 -23.64 -11.78 -17.24
N ASP B 376 -24.66 -11.50 -18.05
CA ASP B 376 -25.34 -12.55 -18.79
C ASP B 376 -25.61 -12.02 -20.17
N PRO B 377 -25.48 -12.88 -21.17
CA PRO B 377 -25.78 -12.48 -22.53
C PRO B 377 -27.22 -12.77 -22.88
N MSE B 378 -27.63 -12.22 -24.00
CA MSE B 378 -28.82 -12.68 -24.67
C MSE B 378 -28.40 -13.95 -25.43
O MSE B 378 -27.23 -14.33 -25.32
CB MSE B 378 -29.31 -11.62 -25.63
CG MSE B 378 -30.00 -10.51 -24.91
SE MSE B 378 -30.76 -9.28 -26.19
CE MSE B 378 -31.69 -10.54 -27.34
N ILE B 379 -29.29 -14.58 -26.17
CA ILE B 379 -28.96 -15.83 -26.87
C ILE B 379 -27.79 -15.70 -27.84
N SER B 380 -27.69 -14.53 -28.49
CA SER B 380 -26.54 -14.19 -29.35
C SER B 380 -25.77 -13.03 -28.69
N THR B 381 -24.45 -13.16 -28.60
CA THR B 381 -23.62 -12.09 -28.02
C THR B 381 -23.61 -10.85 -28.93
N ASN B 382 -23.83 -11.10 -30.23
CA ASN B 382 -23.81 -10.06 -31.27
C ASN B 382 -22.53 -9.20 -31.30
N VAL B 383 -21.40 -9.83 -30.95
CA VAL B 383 -20.10 -9.20 -31.15
C VAL B 383 -19.12 -10.24 -31.68
N SER B 384 -18.21 -9.78 -32.55
CA SER B 384 -17.10 -10.57 -33.08
C SER B 384 -15.81 -9.94 -32.60
N ALA B 385 -14.88 -10.73 -32.06
CA ALA B 385 -13.71 -10.19 -31.37
C ALA B 385 -12.43 -10.72 -31.94
N SER B 386 -11.45 -9.83 -32.06
CA SER B 386 -10.13 -10.23 -32.48
C SER B 386 -9.19 -9.76 -31.39
N VAL B 387 -8.31 -10.63 -30.93
CA VAL B 387 -7.37 -10.26 -29.89
C VAL B 387 -5.92 -10.49 -30.34
N LYS B 388 -5.18 -9.40 -30.48
CA LYS B 388 -3.75 -9.38 -30.78
C LYS B 388 -2.98 -9.31 -29.45
N VAL B 389 -1.97 -10.16 -29.31
CA VAL B 389 -1.07 -10.18 -28.16
C VAL B 389 0.36 -9.95 -28.62
N GLU B 390 1.01 -8.96 -28.01
CA GLU B 390 2.38 -8.59 -28.31
C GLU B 390 3.17 -8.71 -27.01
N PRO B 391 4.39 -9.26 -27.08
CA PRO B 391 5.27 -9.07 -25.95
C PRO B 391 5.43 -7.59 -25.66
N TRP B 392 5.49 -7.23 -24.39
CA TRP B 392 5.54 -5.84 -23.98
C TRP B 392 7.02 -5.35 -24.06
N ASN B 393 7.58 -5.42 -25.27
CA ASN B 393 9.05 -5.36 -25.51
C ASN B 393 9.52 -3.93 -25.67
CL CL C . 13.73 17.89 3.87
C1 GOL D . -5.98 -9.56 0.86
O1 GOL D . -6.21 -9.48 2.25
C2 GOL D . -5.12 -8.38 0.39
O2 GOL D . -5.62 -7.16 0.92
C3 GOL D . -3.64 -8.61 0.73
O3 GOL D . -3.05 -9.44 -0.27
S SO4 E . 26.71 3.07 -8.39
O1 SO4 E . 26.49 2.34 -9.64
O2 SO4 E . 25.48 3.23 -7.60
O3 SO4 E . 27.68 2.32 -7.56
O4 SO4 E . 27.24 4.40 -8.75
CL CL F . -13.38 7.58 -16.21
C1 GOL G . 0.99 -3.29 0.13
O1 GOL G . 0.74 -3.84 -1.14
C2 GOL G . 0.20 -2.00 0.26
O2 GOL G . 0.76 -1.10 -0.66
C3 GOL G . 0.21 -1.42 1.67
O3 GOL G . -1.01 -0.77 1.95
C1 EDO H . 7.52 -14.13 -25.31
O1 EDO H . 8.39 -13.50 -26.28
C2 EDO H . 8.05 -15.53 -25.00
O2 EDO H . 8.72 -15.55 -23.75
C1 EDO I . -6.02 -3.97 -3.39
O1 EDO I . -5.54 -4.76 -4.51
C2 EDO I . -7.24 -4.55 -2.70
O2 EDO I . -8.42 -4.10 -3.39
C1 EDO J . -12.79 -24.65 -2.83
O1 EDO J . -12.28 -24.91 -4.16
C2 EDO J . -14.07 -23.84 -3.00
O2 EDO J . -14.36 -23.18 -1.80
C1 EDO K . 39.29 -8.01 -8.18
O1 EDO K . 40.28 -7.03 -7.86
C2 EDO K . 39.90 -9.38 -8.46
O2 EDO K . 40.53 -9.38 -9.76
C1 EDO L . -31.48 -9.91 -21.90
O1 EDO L . -30.90 -8.80 -22.60
C2 EDO L . -30.33 -10.81 -21.52
O2 EDO L . -30.30 -11.04 -20.11
#